data_9QSV
#
_entry.id   9QSV
#
_cell.length_a   127.747
_cell.length_b   127.747
_cell.length_c   126.910
_cell.angle_alpha   90.00
_cell.angle_beta   90.00
_cell.angle_gamma   90.00
#
_symmetry.space_group_name_H-M   'P 43 21 2'
#
loop_
_entity.id
_entity.type
_entity.pdbx_description
1 polymer 'Casein kinase II subunit alpha'
2 non-polymer 'SULFATE ION'
3 non-polymer '5-(methylamino)benzo[c][2,6]naphthyridine-8-carboxylic acid'
4 water water
#
_entity_poly.entity_id   1
_entity_poly.type   'polypeptide(L)'
_entity_poly.pdbx_seq_one_letter_code
;MHHHHHHSSGVDLGTENLYFQSMSGPVPSRARVYTDVNTHRPREYWDYESHVVEWGNQDDYQLVRKLGRGKYSEVFEAIN
ITNNEKVVVKILKPVKKKKIKREIKILENLRGGPNIITLADIVKDPVSRTPALVFEHVNNTDFKQLYQTLTDYDIRFYMY
EILKALDYCHSMGIMHRDVKPHNVMIDHEHRKLRLIDWGLAEFYHPGQEYNVRVASRYFKGPELLVDYQMYDYSLDMWSL
GCMLASMIFRKEPFFHGHDNYDQLVRIAKVLGTEDLYDYIDKYNIELDPRFNDILGRHSRKRWERFVHSENQHLVSPEAL
DFLDKLLRYDHQSRLTAREAMEHPYFYTVVKDQARMGSS
;
_entity_poly.pdbx_strand_id   A,B
#
loop_
_chem_comp.id
_chem_comp.type
_chem_comp.name
_chem_comp.formula
A1I93 non-polymer '5-(methylamino)benzo[c][2,6]naphthyridine-8-carboxylic acid' 'C14 H11 N3 O2'
SO4 non-polymer 'SULFATE ION' 'O4 S -2'
#
# COMPACT_ATOMS: atom_id res chain seq x y z
N GLY A 25 -21.48 -28.65 2.83
CA GLY A 25 -20.34 -28.76 3.72
C GLY A 25 -19.15 -27.91 3.27
N PRO A 26 -18.32 -27.49 4.22
CA PRO A 26 -17.25 -26.52 3.91
C PRO A 26 -16.29 -27.03 2.84
N VAL A 27 -15.97 -26.14 1.89
CA VAL A 27 -14.98 -26.46 0.85
C VAL A 27 -13.66 -26.84 1.52
N PRO A 28 -12.93 -27.84 1.03
CA PRO A 28 -11.67 -28.23 1.66
C PRO A 28 -10.55 -27.25 1.31
N SER A 29 -9.45 -27.36 2.05
CA SER A 29 -8.27 -26.54 1.78
C SER A 29 -7.01 -27.33 2.07
N ARG A 30 -5.97 -27.07 1.27
CA ARG A 30 -4.65 -27.65 1.39
C ARG A 30 -3.64 -26.51 1.51
N ALA A 31 -2.73 -26.57 2.49
CA ALA A 31 -1.67 -25.56 2.60
C ALA A 31 -0.90 -25.48 1.29
N ARG A 32 -0.49 -24.28 0.89
CA ARG A 32 0.16 -24.19 -0.40
C ARG A 32 1.69 -24.29 -0.34
N VAL A 33 2.26 -24.59 0.83
CA VAL A 33 3.67 -24.94 0.97
C VAL A 33 3.76 -26.00 2.06
N TYR A 34 4.76 -26.87 1.94
CA TYR A 34 4.95 -27.94 2.92
C TYR A 34 3.69 -28.78 3.12
N THR A 35 2.86 -28.89 2.07
CA THR A 35 1.59 -29.60 2.20
C THR A 35 1.81 -31.05 2.64
N ASP A 36 2.86 -31.70 2.15
CA ASP A 36 2.99 -33.14 2.29
C ASP A 36 4.23 -33.59 3.05
N VAL A 37 5.01 -32.65 3.57
CA VAL A 37 6.19 -32.91 4.40
C VAL A 37 5.96 -34.11 5.29
N ASN A 38 4.80 -34.15 5.96
CA ASN A 38 4.62 -35.15 7.00
C ASN A 38 4.35 -36.53 6.42
N THR A 39 3.50 -36.60 5.39
CA THR A 39 3.21 -37.85 4.71
C THR A 39 4.49 -38.60 4.34
N HIS A 40 5.54 -37.86 3.99
CA HIS A 40 6.81 -38.38 3.48
C HIS A 40 7.79 -38.75 4.59
N ARG A 41 7.33 -38.92 5.81
CA ARG A 41 8.25 -39.19 6.90
C ARG A 41 7.98 -40.53 7.55
N PRO A 42 8.97 -41.10 8.23
CA PRO A 42 8.69 -42.25 9.09
C PRO A 42 7.49 -41.94 9.97
N ARG A 43 6.64 -42.94 10.19
CA ARG A 43 5.44 -42.71 10.97
C ARG A 43 5.78 -42.14 12.35
N GLU A 44 6.83 -42.66 13.00
CA GLU A 44 7.21 -42.23 14.34
C GLU A 44 7.55 -40.73 14.42
N TYR A 45 7.75 -40.04 13.30
CA TYR A 45 7.99 -38.60 13.34
C TYR A 45 6.80 -37.86 13.89
N TRP A 46 5.60 -38.19 13.40
CA TRP A 46 4.41 -37.41 13.71
C TRP A 46 3.38 -38.14 14.54
N ASP A 47 3.44 -39.48 14.59
CA ASP A 47 2.58 -40.32 15.43
C ASP A 47 3.12 -40.28 16.85
N TYR A 48 2.84 -39.14 17.51
CA TYR A 48 3.37 -38.90 18.84
C TYR A 48 2.67 -39.71 19.92
N GLU A 49 1.45 -40.24 19.67
CA GLU A 49 0.77 -40.94 20.76
C GLU A 49 1.48 -42.23 21.13
N SER A 50 2.31 -42.77 20.24
CA SER A 50 3.11 -43.95 20.57
C SER A 50 4.52 -43.60 21.00
N HIS A 51 4.88 -42.31 20.99
CA HIS A 51 6.20 -41.89 21.45
C HIS A 51 6.42 -42.33 22.91
N VAL A 52 7.53 -43.01 23.17
CA VAL A 52 7.83 -43.52 24.51
C VAL A 52 8.81 -42.55 25.17
N VAL A 53 8.34 -41.89 26.25
CA VAL A 53 9.07 -40.82 26.92
C VAL A 53 9.84 -41.39 28.10
N GLU A 54 11.08 -40.93 28.26
CA GLU A 54 11.96 -41.37 29.35
C GLU A 54 12.04 -40.27 30.41
N TRP A 55 11.27 -40.44 31.50
CA TRP A 55 11.14 -39.38 32.50
C TRP A 55 12.33 -39.39 33.47
N GLY A 56 12.97 -38.23 33.64
CA GLY A 56 14.07 -38.11 34.57
C GLY A 56 13.61 -37.73 35.97
N ASN A 57 14.58 -37.51 36.84
CA ASN A 57 14.30 -37.11 38.21
C ASN A 57 14.40 -35.60 38.30
N GLN A 58 13.32 -34.95 38.75
CA GLN A 58 13.31 -33.50 38.77
C GLN A 58 14.16 -32.91 39.89
N ASP A 59 14.57 -33.72 40.86
CA ASP A 59 15.52 -33.24 41.87
C ASP A 59 16.83 -32.82 41.24
N ASP A 60 17.14 -33.28 40.03
CA ASP A 60 18.32 -32.78 39.36
C ASP A 60 18.30 -31.27 39.20
N TYR A 61 17.18 -30.61 39.45
CA TYR A 61 17.03 -29.15 39.38
C TYR A 61 16.36 -28.65 40.65
N GLN A 62 16.94 -27.62 41.25
CA GLN A 62 16.34 -26.96 42.40
C GLN A 62 15.67 -25.67 41.93
N LEU A 63 14.40 -25.50 42.29
CA LEU A 63 13.69 -24.32 41.86
C LEU A 63 14.17 -23.09 42.62
N VAL A 64 14.34 -21.98 41.89
CA VAL A 64 14.83 -20.74 42.49
C VAL A 64 13.64 -19.80 42.72
N ARG A 65 12.93 -19.46 41.66
CA ARG A 65 11.82 -18.54 41.82
C ARG A 65 10.80 -18.75 40.70
N LYS A 66 9.57 -18.36 40.98
CA LYS A 66 8.50 -18.47 39.99
C LYS A 66 8.67 -17.36 38.97
N LEU A 67 8.70 -17.72 37.71
CA LEU A 67 8.81 -16.76 36.61
C LEU A 67 7.47 -16.36 36.05
N GLY A 68 6.43 -17.14 36.33
CA GLY A 68 5.13 -16.84 35.77
C GLY A 68 4.16 -18.00 35.82
N ARG A 69 2.89 -17.70 36.05
CA ARG A 69 1.84 -18.70 35.99
C ARG A 69 1.30 -18.77 34.56
N GLY A 70 0.72 -19.91 34.22
CA GLY A 70 0.07 -20.09 32.94
C GLY A 70 -1.31 -20.69 33.10
N LYS A 71 -1.93 -20.97 31.96
CA LYS A 71 -3.23 -21.66 31.89
C LYS A 71 -3.05 -23.17 31.91
N TYR A 72 -1.98 -23.66 31.28
CA TYR A 72 -1.62 -25.08 31.26
C TYR A 72 -0.27 -25.37 31.92
N SER A 73 0.30 -24.43 32.68
CA SER A 73 1.63 -24.63 33.23
C SER A 73 1.94 -23.61 34.34
N GLU A 74 3.08 -23.86 35.00
CA GLU A 74 3.72 -22.95 35.94
C GLU A 74 5.22 -23.05 35.68
N VAL A 75 5.90 -21.92 35.55
CA VAL A 75 7.26 -21.85 35.05
C VAL A 75 8.17 -21.31 36.14
N PHE A 76 9.33 -21.94 36.33
CA PHE A 76 10.26 -21.58 37.38
C PHE A 76 11.66 -21.44 36.82
N GLU A 77 12.39 -20.42 37.28
CA GLU A 77 13.83 -20.48 37.14
C GLU A 77 14.35 -21.58 38.06
N ALA A 78 15.33 -22.35 37.61
CA ALA A 78 15.87 -23.42 38.43
C ALA A 78 17.35 -23.57 38.14
N ILE A 79 18.06 -24.29 39.00
CA ILE A 79 19.48 -24.53 38.86
C ILE A 79 19.71 -26.00 38.60
N ASN A 80 20.51 -26.31 37.59
CA ASN A 80 20.99 -27.67 37.40
C ASN A 80 22.10 -27.92 38.41
N ILE A 81 21.86 -28.86 39.34
CA ILE A 81 22.83 -29.18 40.40
C ILE A 81 24.19 -29.57 39.81
N THR A 82 24.18 -30.33 38.72
CA THR A 82 25.41 -30.94 38.21
C THR A 82 26.43 -29.91 37.77
N ASN A 83 25.99 -28.92 36.99
CA ASN A 83 26.90 -27.95 36.38
C ASN A 83 26.75 -26.53 36.89
N ASN A 84 25.64 -26.19 37.55
CA ASN A 84 25.33 -24.87 38.11
C ASN A 84 24.73 -23.91 37.08
N GLU A 85 24.26 -24.42 35.95
CA GLU A 85 23.74 -23.53 34.90
C GLU A 85 22.28 -23.17 35.16
N LYS A 86 21.94 -21.92 34.85
CA LYS A 86 20.56 -21.45 34.90
C LYS A 86 19.72 -22.24 33.91
N VAL A 87 18.53 -22.64 34.34
CA VAL A 87 17.62 -23.50 33.58
C VAL A 87 16.20 -23.02 33.89
N VAL A 88 15.20 -23.55 33.16
CA VAL A 88 13.81 -23.18 33.39
C VAL A 88 12.98 -24.44 33.41
N VAL A 89 12.16 -24.61 34.45
CA VAL A 89 11.35 -25.81 34.64
C VAL A 89 9.89 -25.40 34.47
N LYS A 90 9.22 -26.00 33.51
CA LYS A 90 7.80 -25.70 33.26
C LYS A 90 7.01 -26.91 33.74
N ILE A 91 6.42 -26.79 34.92
CA ILE A 91 5.59 -27.86 35.44
C ILE A 91 4.24 -27.82 34.74
N LEU A 92 3.84 -28.94 34.18
CA LEU A 92 2.70 -28.98 33.28
C LEU A 92 1.43 -29.24 34.07
N LYS A 93 0.44 -28.37 33.88
CA LYS A 93 -0.85 -28.52 34.51
C LYS A 93 -1.65 -29.63 33.81
N PRO A 94 -2.46 -30.38 34.57
CA PRO A 94 -2.84 -31.73 34.12
C PRO A 94 -3.74 -31.76 32.89
N VAL A 95 -3.19 -32.23 31.78
CA VAL A 95 -3.94 -32.32 30.53
C VAL A 95 -3.69 -33.70 29.94
N LYS A 96 -4.63 -34.16 29.08
CA LYS A 96 -4.55 -35.42 28.35
C LYS A 96 -3.10 -35.81 28.07
N LYS A 97 -2.64 -36.93 28.62
CA LYS A 97 -1.22 -37.30 28.57
C LYS A 97 -0.66 -37.22 27.14
N LYS A 98 -1.48 -37.46 26.12
CA LYS A 98 -0.99 -37.42 24.74
C LYS A 98 -0.64 -35.99 24.31
N LYS A 99 -1.24 -34.97 24.93
CA LYS A 99 -0.88 -33.56 24.63
C LYS A 99 0.52 -33.22 25.14
N ILE A 100 0.91 -33.81 26.26
CA ILE A 100 2.28 -33.71 26.73
C ILE A 100 3.22 -34.39 25.74
N LYS A 101 2.92 -35.63 25.35
CA LYS A 101 3.71 -36.30 24.34
C LYS A 101 3.76 -35.51 23.04
N ARG A 102 2.66 -34.85 22.68
CA ARG A 102 2.68 -34.03 21.48
C ARG A 102 3.72 -32.94 21.61
N GLU A 103 3.67 -32.18 22.72
CA GLU A 103 4.64 -31.10 22.93
C GLU A 103 6.06 -31.64 23.01
N ILE A 104 6.28 -32.74 23.74
CA ILE A 104 7.63 -33.30 23.81
C ILE A 104 8.11 -33.70 22.42
N LYS A 105 7.26 -34.40 21.67
CA LYS A 105 7.66 -34.82 20.33
C LYS A 105 8.04 -33.62 19.48
N ILE A 106 7.16 -32.61 19.41
CA ILE A 106 7.43 -31.43 18.61
C ILE A 106 8.73 -30.75 19.04
N LEU A 107 9.09 -30.81 20.32
CA LEU A 107 10.32 -30.16 20.73
C LEU A 107 11.54 -30.97 20.36
N GLU A 108 11.53 -32.29 20.61
CA GLU A 108 12.65 -33.09 20.11
C GLU A 108 12.73 -33.03 18.60
N ASN A 109 11.59 -32.81 17.91
CA ASN A 109 11.60 -32.72 16.46
C ASN A 109 12.25 -31.44 15.97
N LEU A 110 12.10 -30.34 16.71
CA LEU A 110 12.59 -29.02 16.31
C LEU A 110 13.92 -28.66 16.93
N ARG A 111 14.53 -29.56 17.69
CA ARG A 111 15.70 -29.19 18.46
C ARG A 111 16.79 -28.71 17.54
N GLY A 112 17.37 -27.56 17.86
CA GLY A 112 18.44 -27.00 17.09
C GLY A 112 17.98 -26.22 15.88
N GLY A 113 16.68 -26.06 15.66
CA GLY A 113 16.21 -25.20 14.62
C GLY A 113 16.49 -23.74 14.95
N PRO A 114 16.68 -22.92 13.93
CA PRO A 114 16.95 -21.49 14.18
C PRO A 114 15.90 -20.91 15.12
N ASN A 115 16.36 -20.28 16.20
CA ASN A 115 15.50 -19.49 17.08
C ASN A 115 14.36 -20.28 17.75
N ILE A 116 14.41 -21.61 17.76
CA ILE A 116 13.48 -22.42 18.54
C ILE A 116 14.03 -22.56 19.97
N ILE A 117 13.14 -22.72 20.94
CA ILE A 117 13.60 -22.95 22.30
C ILE A 117 14.13 -24.38 22.38
N THR A 118 15.07 -24.62 23.29
CA THR A 118 15.75 -25.89 23.36
C THR A 118 15.26 -26.66 24.59
N LEU A 119 14.71 -27.86 24.36
CA LEU A 119 14.30 -28.74 25.44
C LEU A 119 15.53 -29.47 25.99
N ALA A 120 15.93 -29.10 27.21
CA ALA A 120 17.11 -29.66 27.84
C ALA A 120 16.84 -30.98 28.53
N ASP A 121 15.64 -31.18 29.06
CA ASP A 121 15.38 -32.39 29.83
C ASP A 121 13.88 -32.53 30.06
N ILE A 122 13.47 -33.77 30.34
CA ILE A 122 12.09 -34.12 30.64
C ILE A 122 12.13 -34.89 31.95
N VAL A 123 11.36 -34.46 32.95
CA VAL A 123 11.49 -35.00 34.29
C VAL A 123 10.17 -35.00 35.02
N LYS A 124 10.18 -35.62 36.19
CA LYS A 124 9.00 -35.87 36.98
C LYS A 124 9.43 -35.75 38.43
N ASP A 125 8.72 -34.95 39.20
CA ASP A 125 9.10 -34.82 40.61
C ASP A 125 8.88 -36.17 41.29
N PRO A 126 9.89 -36.74 41.95
CA PRO A 126 9.72 -38.09 42.49
C PRO A 126 8.57 -38.23 43.48
N VAL A 127 8.22 -37.16 44.18
CA VAL A 127 7.18 -37.23 45.21
C VAL A 127 5.79 -37.09 44.59
N SER A 128 5.59 -36.05 43.77
CA SER A 128 4.29 -35.80 43.14
C SER A 128 4.09 -36.62 41.87
N ARG A 129 5.16 -37.11 41.24
CA ARG A 129 5.09 -37.91 40.01
C ARG A 129 4.33 -37.18 38.90
N THR A 130 4.38 -35.77 38.89
CA THR A 130 3.70 -34.84 37.96
C THR A 130 4.69 -34.25 36.97
N PRO A 131 4.44 -34.38 35.67
CA PRO A 131 5.51 -34.20 34.67
C PRO A 131 5.89 -32.73 34.42
N ALA A 132 7.15 -32.52 34.01
CA ALA A 132 7.61 -31.16 33.80
C ALA A 132 8.68 -31.13 32.72
N LEU A 133 8.77 -30.01 32.00
CA LEU A 133 9.75 -29.84 30.96
C LEU A 133 10.83 -28.86 31.42
N VAL A 134 12.08 -29.14 31.05
CA VAL A 134 13.21 -28.29 31.40
C VAL A 134 13.75 -27.68 30.12
N PHE A 135 13.75 -26.35 30.05
CA PHE A 135 14.21 -25.64 28.87
C PHE A 135 15.49 -24.86 29.16
N GLU A 136 16.18 -24.48 28.09
CA GLU A 136 17.31 -23.56 28.22
C GLU A 136 16.83 -22.21 28.74
N HIS A 137 17.69 -21.52 29.50
CA HIS A 137 17.36 -20.20 30.02
C HIS A 137 17.73 -19.10 29.03
N VAL A 138 16.93 -18.02 29.03
CA VAL A 138 17.11 -16.89 28.14
C VAL A 138 16.97 -15.61 28.94
N ASN A 139 18.04 -14.80 29.00
CA ASN A 139 17.99 -13.53 29.72
C ASN A 139 17.07 -12.59 28.96
N ASN A 140 15.76 -12.75 29.17
CA ASN A 140 14.76 -12.09 28.35
C ASN A 140 14.30 -10.75 28.92
N THR A 141 14.03 -9.81 28.02
CA THR A 141 13.38 -8.56 28.36
C THR A 141 11.93 -8.64 27.90
N ASP A 142 11.00 -8.54 28.85
CA ASP A 142 9.59 -8.68 28.52
C ASP A 142 9.15 -7.54 27.60
N PHE A 143 8.20 -7.84 26.71
CA PHE A 143 7.75 -6.85 25.74
C PHE A 143 7.01 -5.67 26.37
N LYS A 144 6.63 -5.75 27.65
CA LYS A 144 5.90 -4.66 28.29
C LYS A 144 6.73 -3.39 28.34
N GLN A 145 8.03 -3.51 28.60
CA GLN A 145 8.94 -2.38 28.48
C GLN A 145 9.68 -2.34 27.15
N LEU A 146 9.76 -3.48 26.44
CA LEU A 146 10.61 -3.57 25.24
C LEU A 146 9.99 -2.89 24.03
N TYR A 147 8.79 -3.32 23.62
CA TYR A 147 8.19 -2.83 22.37
C TYR A 147 8.02 -1.31 22.36
N GLN A 148 8.05 -0.65 23.52
CA GLN A 148 7.92 0.80 23.60
C GLN A 148 9.21 1.54 23.23
N THR A 149 10.31 0.82 22.96
CA THR A 149 11.64 1.42 22.84
C THR A 149 12.43 0.98 21.60
N LEU A 150 11.85 0.21 20.69
CA LEU A 150 12.59 -0.35 19.57
C LEU A 150 12.60 0.60 18.38
N THR A 151 13.78 0.83 17.80
CA THR A 151 13.85 1.59 16.56
C THR A 151 13.18 0.81 15.42
N ASP A 152 12.94 1.52 14.31
CA ASP A 152 12.36 0.87 13.15
C ASP A 152 13.21 -0.32 12.73
N TYR A 153 14.54 -0.18 12.77
CA TYR A 153 15.40 -1.30 12.40
C TYR A 153 15.25 -2.48 13.36
N ASP A 154 15.03 -2.21 14.64
CA ASP A 154 14.88 -3.32 15.57
C ASP A 154 13.62 -4.11 15.26
N ILE A 155 12.55 -3.44 14.87
CA ILE A 155 11.33 -4.17 14.56
C ILE A 155 11.55 -5.05 13.34
N ARG A 156 12.31 -4.57 12.36
CA ARG A 156 12.60 -5.39 11.19
C ARG A 156 13.46 -6.61 11.56
N PHE A 157 14.50 -6.39 12.37
CA PHE A 157 15.43 -7.46 12.75
C PHE A 157 14.72 -8.59 13.49
N TYR A 158 14.03 -8.27 14.59
CA TYR A 158 13.40 -9.32 15.38
C TYR A 158 12.25 -9.97 14.62
N MET A 159 11.50 -9.20 13.86
CA MET A 159 10.50 -9.83 13.02
C MET A 159 11.11 -10.85 12.06
N TYR A 160 12.22 -10.48 11.41
CA TYR A 160 12.94 -11.44 10.57
C TYR A 160 13.32 -12.70 11.35
N GLU A 161 13.74 -12.53 12.62
CA GLU A 161 14.13 -13.69 13.43
C GLU A 161 12.92 -14.58 13.78
N ILE A 162 11.75 -13.97 14.02
CA ILE A 162 10.54 -14.76 14.18
C ILE A 162 10.26 -15.57 12.92
N LEU A 163 10.34 -14.90 11.76
CA LEU A 163 10.10 -15.58 10.49
C LEU A 163 11.07 -16.75 10.28
N LYS A 164 12.29 -16.67 10.85
CA LYS A 164 13.19 -17.81 10.76
C LYS A 164 12.62 -19.01 11.50
N ALA A 165 12.11 -18.78 12.72
CA ALA A 165 11.48 -19.84 13.47
C ALA A 165 10.25 -20.37 12.76
N LEU A 166 9.42 -19.48 12.20
CA LEU A 166 8.17 -19.94 11.61
C LEU A 166 8.42 -20.73 10.33
N ASP A 167 9.31 -20.24 9.46
CA ASP A 167 9.58 -20.99 8.24
C ASP A 167 10.24 -22.32 8.57
N TYR A 168 11.10 -22.37 9.58
CA TYR A 168 11.70 -23.65 9.92
C TYR A 168 10.63 -24.66 10.31
N CYS A 169 9.82 -24.33 11.33
CA CYS A 169 8.89 -25.33 11.85
C CYS A 169 7.76 -25.63 10.86
N HIS A 170 7.42 -24.67 9.99
CA HIS A 170 6.50 -24.98 8.91
C HIS A 170 7.12 -25.99 7.97
N SER A 171 8.38 -25.75 7.56
CA SER A 171 9.09 -26.70 6.72
C SER A 171 9.22 -28.06 7.40
N MET A 172 9.01 -28.11 8.70
CA MET A 172 9.13 -29.34 9.46
C MET A 172 7.76 -29.92 9.78
N GLY A 173 6.71 -29.46 9.10
CA GLY A 173 5.38 -30.03 9.24
C GLY A 173 4.61 -29.63 10.47
N ILE A 174 5.02 -28.56 11.15
CA ILE A 174 4.46 -28.18 12.44
C ILE A 174 3.92 -26.76 12.37
N MET A 175 2.69 -26.55 12.83
CA MET A 175 2.21 -25.19 13.05
C MET A 175 2.29 -24.90 14.54
N HIS A 176 2.63 -23.65 14.87
CA HIS A 176 2.85 -23.29 16.28
C HIS A 176 1.53 -22.96 16.96
N ARG A 177 0.65 -22.27 16.24
CA ARG A 177 -0.74 -22.06 16.62
C ARG A 177 -0.93 -21.18 17.83
N ASP A 178 0.10 -20.51 18.33
CA ASP A 178 -0.05 -19.59 19.46
C ASP A 178 1.04 -18.52 19.41
N VAL A 179 1.22 -17.90 18.25
CA VAL A 179 2.21 -16.84 18.11
C VAL A 179 1.67 -15.56 18.72
N LYS A 180 2.32 -15.07 19.77
CA LYS A 180 1.90 -13.87 20.47
C LYS A 180 3.10 -13.35 21.26
N PRO A 181 3.13 -12.05 21.57
CA PRO A 181 4.31 -11.49 22.26
C PRO A 181 4.78 -12.23 23.51
N HIS A 182 3.91 -12.76 24.36
CA HIS A 182 4.43 -13.47 25.54
C HIS A 182 5.24 -14.71 25.15
N ASN A 183 5.07 -15.24 23.95
CA ASN A 183 5.75 -16.45 23.52
C ASN A 183 7.02 -16.17 22.72
N VAL A 184 7.42 -14.91 22.59
CA VAL A 184 8.67 -14.55 21.93
C VAL A 184 9.60 -13.99 23.00
N MET A 185 10.52 -14.81 23.50
CA MET A 185 11.54 -14.37 24.45
C MET A 185 12.65 -13.66 23.69
N ILE A 186 12.93 -12.42 24.06
CA ILE A 186 13.92 -11.60 23.36
C ILE A 186 15.02 -11.27 24.33
N ASP A 187 16.27 -11.48 23.91
CA ASP A 187 17.45 -11.05 24.66
C ASP A 187 18.09 -9.89 23.88
N HIS A 188 17.97 -8.67 24.40
CA HIS A 188 18.35 -7.51 23.61
C HIS A 188 19.82 -7.17 23.70
N GLU A 189 20.55 -7.63 24.71
CA GLU A 189 21.98 -7.37 24.72
C GLU A 189 22.68 -8.16 23.61
N HIS A 190 22.43 -9.47 23.52
CA HIS A 190 23.07 -10.32 22.53
C HIS A 190 22.24 -10.46 21.26
N ARG A 191 21.11 -9.74 21.16
CA ARG A 191 20.25 -9.68 19.97
C ARG A 191 19.77 -11.06 19.54
N LYS A 192 19.46 -11.90 20.52
CA LYS A 192 18.91 -13.23 20.28
C LYS A 192 17.42 -13.24 20.55
N LEU A 193 16.77 -14.29 20.04
CA LEU A 193 15.34 -14.45 20.19
C LEU A 193 15.06 -15.94 20.15
N ARG A 194 14.04 -16.37 20.88
CA ARG A 194 13.59 -17.76 20.86
C ARG A 194 12.08 -17.82 20.95
N LEU A 195 11.46 -18.64 20.11
CA LEU A 195 10.02 -18.84 20.10
C LEU A 195 9.66 -20.00 21.03
N ILE A 196 8.71 -19.77 21.93
CA ILE A 196 8.53 -20.70 23.06
C ILE A 196 7.07 -21.14 23.16
N ASP A 197 6.75 -21.89 24.22
CA ASP A 197 5.45 -22.54 24.40
C ASP A 197 5.03 -23.32 23.17
N TRP A 198 5.40 -24.59 23.10
CA TRP A 198 4.99 -25.38 21.96
C TRP A 198 3.81 -26.26 22.30
N GLY A 199 3.21 -26.03 23.47
CA GLY A 199 2.14 -26.87 23.95
C GLY A 199 0.85 -26.81 23.16
N LEU A 200 0.73 -25.93 22.18
CA LEU A 200 -0.43 -25.94 21.31
C LEU A 200 -0.04 -26.22 19.87
N ALA A 201 1.23 -26.52 19.61
CA ALA A 201 1.64 -26.84 18.26
C ALA A 201 1.08 -28.20 17.81
N GLU A 202 0.71 -28.28 16.54
CA GLU A 202 0.20 -29.53 15.95
C GLU A 202 1.01 -29.85 14.70
N PHE A 203 1.00 -31.13 14.34
CA PHE A 203 1.51 -31.53 13.03
C PHE A 203 0.47 -31.23 11.96
N TYR A 204 0.92 -30.73 10.82
CA TYR A 204 -0.01 -30.47 9.73
C TYR A 204 -0.15 -31.70 8.86
N HIS A 205 -1.39 -32.13 8.63
CA HIS A 205 -1.69 -33.20 7.70
C HIS A 205 -2.78 -32.72 6.78
N PRO A 206 -2.59 -32.76 5.45
CA PRO A 206 -3.62 -32.25 4.53
C PRO A 206 -4.93 -32.99 4.69
N GLY A 207 -6.00 -32.21 4.93
CA GLY A 207 -7.33 -32.71 5.14
C GLY A 207 -7.75 -32.84 6.59
N GLN A 208 -6.81 -32.71 7.53
CA GLN A 208 -7.18 -32.75 8.93
C GLN A 208 -8.02 -31.54 9.30
N GLU A 209 -9.10 -31.78 10.03
CA GLU A 209 -9.90 -30.73 10.65
C GLU A 209 -9.39 -30.59 12.08
N TYR A 210 -9.03 -29.37 12.44
CA TYR A 210 -8.38 -29.07 13.71
C TYR A 210 -9.33 -28.34 14.63
N ASN A 211 -8.97 -28.33 15.91
CA ASN A 211 -9.71 -27.55 16.89
C ASN A 211 -9.48 -26.06 16.64
N VAL A 212 -10.56 -25.27 16.70
CA VAL A 212 -10.46 -23.83 16.49
C VAL A 212 -10.37 -23.04 17.78
N ARG A 213 -10.46 -23.71 18.92
CA ARG A 213 -10.27 -23.05 20.22
C ARG A 213 -8.80 -23.13 20.62
N VAL A 214 -7.96 -22.53 19.78
CA VAL A 214 -6.52 -22.43 20.04
C VAL A 214 -6.12 -20.95 19.91
N ALA A 215 -4.95 -20.63 20.47
CA ALA A 215 -4.33 -19.31 20.44
C ALA A 215 -5.01 -18.35 21.39
N SER A 216 -4.48 -17.15 21.50
CA SER A 216 -5.09 -16.11 22.33
C SER A 216 -5.96 -15.19 21.48
N ARG A 217 -6.96 -14.61 22.15
CA ARG A 217 -8.09 -14.00 21.46
C ARG A 217 -7.67 -12.89 20.49
N TYR A 218 -6.67 -12.08 20.85
CA TYR A 218 -6.28 -10.99 19.97
C TYR A 218 -5.50 -11.45 18.77
N PHE A 219 -4.93 -12.65 18.81
CA PHE A 219 -4.16 -13.16 17.70
C PHE A 219 -4.85 -14.31 17.00
N LYS A 220 -6.16 -14.47 17.20
CA LYS A 220 -6.91 -15.52 16.53
C LYS A 220 -7.17 -15.10 15.09
N GLY A 221 -6.77 -15.94 14.15
CA GLY A 221 -7.11 -15.71 12.76
C GLY A 221 -8.61 -15.81 12.54
N PRO A 222 -9.08 -15.17 11.48
CA PRO A 222 -10.52 -15.24 11.19
C PRO A 222 -11.02 -16.66 10.98
N GLU A 223 -10.15 -17.58 10.56
CA GLU A 223 -10.57 -18.97 10.39
C GLU A 223 -11.06 -19.55 11.70
N LEU A 224 -10.39 -19.20 12.82
CA LEU A 224 -10.82 -19.69 14.12
C LEU A 224 -12.08 -18.98 14.63
N LEU A 225 -12.30 -17.72 14.22
CA LEU A 225 -13.46 -16.98 14.70
C LEU A 225 -14.74 -17.41 14.00
N VAL A 226 -14.66 -17.99 12.81
CA VAL A 226 -15.84 -18.48 12.09
C VAL A 226 -15.97 -20.00 12.14
N ASP A 227 -15.01 -20.69 12.74
CA ASP A 227 -14.95 -22.15 12.87
C ASP A 227 -14.69 -22.81 11.52
N TYR A 228 -13.60 -22.41 10.85
CA TYR A 228 -13.12 -23.14 9.68
C TYR A 228 -11.98 -24.05 10.14
N GLN A 229 -12.24 -25.36 10.14
CA GLN A 229 -11.36 -26.29 10.83
C GLN A 229 -10.22 -26.84 10.00
N MET A 230 -10.23 -26.64 8.68
CA MET A 230 -9.15 -27.15 7.81
C MET A 230 -8.10 -26.07 7.59
N TYR A 231 -7.53 -25.56 8.67
CA TYR A 231 -6.59 -24.47 8.56
C TYR A 231 -5.17 -25.04 8.50
N ASP A 232 -4.16 -24.17 8.33
CA ASP A 232 -2.81 -24.69 8.16
C ASP A 232 -1.74 -23.75 8.67
N TYR A 233 -0.54 -23.86 8.09
CA TYR A 233 0.59 -23.04 8.54
C TYR A 233 0.22 -21.56 8.57
N SER A 234 -0.67 -21.13 7.68
CA SER A 234 -0.92 -19.71 7.49
C SER A 234 -1.59 -19.06 8.70
N LEU A 235 -2.20 -19.84 9.58
CA LEU A 235 -2.73 -19.28 10.81
C LEU A 235 -1.63 -18.56 11.58
N ASP A 236 -0.44 -19.16 11.64
CA ASP A 236 0.69 -18.52 12.31
C ASP A 236 1.03 -17.19 11.65
N MET A 237 0.67 -17.02 10.38
CA MET A 237 1.02 -15.79 9.67
C MET A 237 0.04 -14.67 9.98
N TRP A 238 -1.19 -15.00 10.36
CA TRP A 238 -2.08 -13.95 10.84
C TRP A 238 -1.63 -13.44 12.20
N SER A 239 -1.28 -14.35 13.10
CA SER A 239 -0.79 -13.96 14.42
C SER A 239 0.41 -13.04 14.31
N LEU A 240 1.27 -13.29 13.32
CA LEU A 240 2.43 -12.42 13.16
C LEU A 240 2.01 -11.04 12.69
N GLY A 241 0.97 -10.97 11.86
CA GLY A 241 0.48 -9.67 11.44
C GLY A 241 -0.08 -8.86 12.60
N CYS A 242 -0.90 -9.51 13.43
CA CYS A 242 -1.38 -8.87 14.65
C CYS A 242 -0.23 -8.28 15.46
N MET A 243 0.86 -9.02 15.62
CA MET A 243 2.03 -8.48 16.31
C MET A 243 2.62 -7.30 15.54
N LEU A 244 2.79 -7.45 14.23
CA LEU A 244 3.40 -6.38 13.47
C LEU A 244 2.60 -5.11 13.58
N ALA A 245 1.28 -5.21 13.40
CA ALA A 245 0.41 -4.03 13.50
C ALA A 245 0.43 -3.47 14.91
N SER A 246 0.57 -4.33 15.91
CA SER A 246 0.59 -3.88 17.28
C SER A 246 1.83 -3.05 17.57
N MET A 247 2.97 -3.41 16.95
CA MET A 247 4.23 -2.72 17.20
C MET A 247 4.35 -1.43 16.39
N ILE A 248 4.03 -1.48 15.09
CA ILE A 248 4.25 -0.28 14.29
C ILE A 248 3.19 0.80 14.56
N PHE A 249 2.05 0.47 15.17
CA PHE A 249 1.06 1.50 15.46
C PHE A 249 1.04 1.87 16.93
N ARG A 250 1.97 1.32 17.73
CA ARG A 250 1.99 1.48 19.19
C ARG A 250 0.59 1.28 19.75
N LYS A 251 -0.12 0.28 19.25
CA LYS A 251 -1.41 -0.13 19.78
C LYS A 251 -1.25 -1.58 20.23
N GLU A 252 -1.33 -1.81 21.54
CA GLU A 252 -1.25 -3.16 22.12
C GLU A 252 -2.58 -3.47 22.81
N PRO A 253 -3.43 -4.34 22.27
CA PRO A 253 -3.25 -5.10 21.03
C PRO A 253 -3.91 -4.33 19.89
N PHE A 254 -3.71 -4.77 18.66
CA PHE A 254 -4.29 -4.01 17.56
C PHE A 254 -5.77 -4.33 17.37
N PHE A 255 -6.17 -5.58 17.54
CA PHE A 255 -7.57 -6.00 17.42
C PHE A 255 -8.08 -6.31 18.83
N HIS A 256 -8.68 -5.30 19.48
CA HIS A 256 -8.99 -5.37 20.91
C HIS A 256 -10.47 -5.72 21.11
N GLY A 257 -10.81 -7.00 20.88
CA GLY A 257 -12.20 -7.41 20.93
C GLY A 257 -12.62 -7.93 22.29
N HIS A 258 -13.94 -7.88 22.55
CA HIS A 258 -14.47 -8.22 23.88
C HIS A 258 -14.61 -9.73 24.10
N ASP A 259 -14.80 -10.51 23.04
CA ASP A 259 -14.82 -11.99 23.08
C ASP A 259 -14.44 -12.49 21.68
N ASN A 260 -14.76 -13.76 21.39
CA ASN A 260 -14.43 -14.31 20.07
C ASN A 260 -15.34 -13.74 18.99
N TYR A 261 -16.63 -13.56 19.31
CA TYR A 261 -17.58 -13.04 18.35
C TYR A 261 -17.30 -11.58 18.02
N ASP A 262 -17.07 -10.76 19.06
CA ASP A 262 -16.72 -9.35 18.85
C ASP A 262 -15.33 -9.19 18.24
N GLN A 263 -14.43 -10.15 18.48
CA GLN A 263 -13.11 -10.11 17.85
C GLN A 263 -13.22 -10.03 16.35
N LEU A 264 -14.09 -10.85 15.77
CA LEU A 264 -14.27 -10.77 14.32
C LEU A 264 -14.74 -9.38 13.93
N VAL A 265 -15.60 -8.76 14.74
CA VAL A 265 -16.09 -7.41 14.44
C VAL A 265 -14.93 -6.42 14.41
N ARG A 266 -14.04 -6.47 15.40
CA ARG A 266 -12.91 -5.56 15.40
C ARG A 266 -12.06 -5.74 14.14
N ILE A 267 -11.86 -6.98 13.71
CA ILE A 267 -11.18 -7.21 12.44
C ILE A 267 -11.99 -6.59 11.31
N ALA A 268 -13.28 -6.94 11.23
CA ALA A 268 -14.11 -6.51 10.11
C ALA A 268 -14.19 -5.00 10.04
N LYS A 269 -14.12 -4.31 11.17
CA LYS A 269 -14.17 -2.85 11.12
C LYS A 269 -12.94 -2.26 10.45
N VAL A 270 -11.90 -3.05 10.21
CA VAL A 270 -10.67 -2.59 9.57
C VAL A 270 -10.48 -3.19 8.17
N LEU A 271 -10.64 -4.50 8.03
CA LEU A 271 -10.52 -5.16 6.73
C LEU A 271 -11.78 -5.05 5.86
N GLY A 272 -12.91 -4.60 6.42
CA GLY A 272 -14.15 -4.45 5.68
C GLY A 272 -15.01 -5.71 5.72
N THR A 273 -16.30 -5.53 5.44
CA THR A 273 -17.20 -6.69 5.46
C THR A 273 -17.35 -7.35 4.10
N GLU A 274 -17.50 -6.58 3.02
CA GLU A 274 -17.17 -7.13 1.72
C GLU A 274 -15.71 -7.55 1.79
N ASP A 275 -15.43 -8.80 1.41
CA ASP A 275 -14.16 -9.54 1.57
C ASP A 275 -14.33 -10.66 2.57
N LEU A 276 -14.70 -10.29 3.80
CA LEU A 276 -15.10 -11.30 4.78
C LEU A 276 -16.22 -12.15 4.22
N TYR A 277 -17.22 -11.51 3.60
CA TYR A 277 -18.36 -12.28 3.13
C TYR A 277 -18.02 -13.12 1.89
N ASP A 278 -17.15 -12.61 1.00
CA ASP A 278 -16.65 -13.46 -0.08
C ASP A 278 -15.79 -14.59 0.45
N TYR A 279 -15.08 -14.36 1.55
CA TYR A 279 -14.38 -15.46 2.22
C TYR A 279 -15.35 -16.51 2.73
N ILE A 280 -16.46 -16.07 3.33
CA ILE A 280 -17.48 -17.04 3.76
C ILE A 280 -18.02 -17.81 2.57
N ASP A 281 -18.31 -17.11 1.47
CA ASP A 281 -18.82 -17.78 0.27
C ASP A 281 -17.79 -18.72 -0.34
N LYS A 282 -16.53 -18.27 -0.49
CA LYS A 282 -15.51 -19.05 -1.16
C LYS A 282 -15.29 -20.40 -0.52
N TYR A 283 -15.61 -20.55 0.77
CA TYR A 283 -15.42 -21.81 1.48
C TYR A 283 -16.72 -22.47 1.92
N ASN A 284 -17.86 -21.95 1.48
CA ASN A 284 -19.18 -22.36 1.95
C ASN A 284 -19.16 -22.57 3.45
N ILE A 285 -18.76 -21.50 4.15
CA ILE A 285 -18.70 -21.49 5.61
C ILE A 285 -20.07 -21.15 6.17
N GLU A 286 -20.52 -21.92 7.14
CA GLU A 286 -21.72 -21.55 7.88
C GLU A 286 -21.32 -20.62 9.00
N LEU A 287 -21.85 -19.40 8.94
CA LEU A 287 -21.69 -18.42 10.00
C LEU A 287 -22.64 -18.72 11.14
N ASP A 288 -22.21 -18.43 12.35
CA ASP A 288 -23.11 -18.51 13.48
C ASP A 288 -24.25 -17.52 13.28
N PRO A 289 -25.47 -17.84 13.73
CA PRO A 289 -26.53 -16.82 13.72
C PRO A 289 -26.18 -15.56 14.51
N ARG A 290 -25.30 -15.70 15.53
CA ARG A 290 -24.85 -14.54 16.31
C ARG A 290 -24.19 -13.50 15.43
N PHE A 291 -23.33 -13.94 14.51
CA PHE A 291 -22.64 -13.03 13.60
C PHE A 291 -23.59 -12.34 12.65
N ASN A 292 -24.74 -12.94 12.35
CA ASN A 292 -25.67 -12.43 11.34
C ASN A 292 -26.21 -11.04 11.64
N ASP A 293 -25.78 -10.42 12.76
CA ASP A 293 -26.32 -9.13 13.15
C ASP A 293 -25.25 -8.12 13.56
N ILE A 294 -24.32 -8.55 14.41
CA ILE A 294 -23.35 -7.64 15.01
C ILE A 294 -22.21 -7.26 14.08
N LEU A 295 -22.14 -7.83 12.87
CA LEU A 295 -21.08 -7.56 11.91
C LEU A 295 -21.36 -6.34 11.03
N GLY A 296 -22.58 -6.21 10.51
CA GLY A 296 -22.96 -5.04 9.72
C GLY A 296 -22.25 -4.92 8.37
N ARG A 297 -22.24 -3.68 7.87
CA ARG A 297 -21.52 -3.30 6.65
C ARG A 297 -20.37 -2.38 7.04
N HIS A 298 -19.16 -2.69 6.57
CA HIS A 298 -18.00 -1.89 6.93
C HIS A 298 -16.99 -1.88 5.79
N SER A 299 -16.43 -0.71 5.52
CA SER A 299 -15.48 -0.52 4.43
C SER A 299 -14.09 -0.98 4.84
N ARG A 300 -13.20 -1.10 3.85
CA ARG A 300 -11.82 -1.50 4.12
C ARG A 300 -10.95 -0.26 4.25
N LYS A 301 -10.39 -0.06 5.45
CA LYS A 301 -9.68 1.18 5.74
C LYS A 301 -8.30 1.20 5.11
N ARG A 302 -7.85 2.40 4.72
CA ARG A 302 -6.45 2.59 4.36
C ARG A 302 -5.65 2.67 5.64
N TRP A 303 -4.52 1.97 5.70
CA TRP A 303 -3.75 1.86 6.94
C TRP A 303 -3.34 3.21 7.49
N GLU A 304 -3.39 4.27 6.69
CA GLU A 304 -2.99 5.60 7.13
C GLU A 304 -3.86 6.11 8.28
N ARG A 305 -5.07 5.57 8.46
CA ARG A 305 -5.92 6.01 9.57
C ARG A 305 -5.27 5.78 10.92
N PHE A 306 -4.33 4.85 11.00
CA PHE A 306 -3.76 4.41 12.26
C PHE A 306 -2.41 5.03 12.56
N VAL A 307 -1.86 5.83 11.65
CA VAL A 307 -0.57 6.48 11.88
C VAL A 307 -0.84 7.88 12.37
N HIS A 308 -0.19 8.24 13.47
CA HIS A 308 -0.37 9.52 14.12
C HIS A 308 1.00 10.07 14.50
N SER A 309 1.01 11.15 15.29
CA SER A 309 2.26 11.85 15.60
C SER A 309 3.29 10.90 16.22
N GLU A 310 2.90 10.16 17.25
CA GLU A 310 3.86 9.43 18.06
C GLU A 310 4.11 8.00 17.59
N ASN A 311 3.85 7.68 16.31
CA ASN A 311 4.18 6.33 15.84
C ASN A 311 4.59 6.26 14.38
N GLN A 312 4.87 7.39 13.72
CA GLN A 312 5.18 7.41 12.29
C GLN A 312 6.62 7.08 12.00
N HIS A 313 7.52 7.23 12.98
CA HIS A 313 8.89 6.80 12.77
C HIS A 313 8.97 5.30 12.49
N LEU A 314 7.95 4.53 12.91
CA LEU A 314 7.91 3.09 12.73
C LEU A 314 7.09 2.65 11.52
N VAL A 315 6.43 3.58 10.83
CA VAL A 315 5.63 3.26 9.64
C VAL A 315 6.37 3.72 8.39
N SER A 316 6.26 2.93 7.34
CA SER A 316 6.88 3.18 6.05
C SER A 316 5.99 2.56 4.99
N PRO A 317 6.06 3.04 3.75
CA PRO A 317 5.33 2.34 2.69
C PRO A 317 5.70 0.86 2.62
N GLU A 318 6.87 0.47 3.13
CA GLU A 318 7.23 -0.95 3.13
C GLU A 318 6.44 -1.71 4.18
N ALA A 319 6.56 -1.27 5.46
CA ALA A 319 5.85 -1.95 6.56
C ALA A 319 4.37 -2.07 6.26
N LEU A 320 3.78 -1.00 5.71
CA LEU A 320 2.38 -1.03 5.38
C LEU A 320 2.09 -2.10 4.35
N ASP A 321 2.98 -2.24 3.36
CA ASP A 321 2.72 -3.23 2.32
C ASP A 321 2.89 -4.64 2.88
N PHE A 322 3.96 -4.86 3.64
CA PHE A 322 4.12 -6.13 4.32
C PHE A 322 2.92 -6.46 5.20
N LEU A 323 2.49 -5.48 6.01
CA LEU A 323 1.38 -5.70 6.95
C LEU A 323 0.08 -6.04 6.22
N ASP A 324 -0.19 -5.33 5.12
CA ASP A 324 -1.37 -5.58 4.28
C ASP A 324 -1.37 -7.01 3.74
N LYS A 325 -0.19 -7.59 3.51
CA LYS A 325 -0.08 -8.91 2.92
C LYS A 325 -0.06 -10.03 3.94
N LEU A 326 -0.07 -9.71 5.23
CA LEU A 326 -0.36 -10.70 6.26
C LEU A 326 -1.83 -10.72 6.64
N LEU A 327 -2.45 -9.56 6.88
CA LEU A 327 -3.83 -9.49 7.38
C LEU A 327 -4.80 -9.69 6.22
N ARG A 328 -5.02 -10.96 5.86
CA ARG A 328 -6.07 -11.33 4.93
C ARG A 328 -6.94 -12.41 5.56
N TYR A 329 -8.26 -12.22 5.44
CA TYR A 329 -9.23 -13.25 5.80
C TYR A 329 -8.84 -14.58 5.18
N ASP A 330 -8.81 -14.61 3.84
CA ASP A 330 -8.48 -15.79 3.06
C ASP A 330 -7.13 -16.32 3.48
N HIS A 331 -7.11 -17.41 4.26
CA HIS A 331 -5.82 -17.89 4.74
C HIS A 331 -4.89 -18.27 3.60
N GLN A 332 -5.41 -18.50 2.39
CA GLN A 332 -4.54 -18.92 1.30
C GLN A 332 -3.76 -17.77 0.67
N SER A 333 -4.24 -16.53 0.81
CA SER A 333 -3.55 -15.38 0.22
C SER A 333 -2.56 -14.72 1.18
N ARG A 334 -2.43 -15.21 2.40
CA ARG A 334 -1.40 -14.69 3.27
C ARG A 334 -0.03 -15.03 2.70
N LEU A 335 0.97 -14.22 3.03
CA LEU A 335 2.30 -14.62 2.66
C LEU A 335 2.70 -15.87 3.41
N THR A 336 3.57 -16.66 2.80
CA THR A 336 4.27 -17.67 3.56
C THR A 336 5.43 -17.03 4.33
N ALA A 337 5.87 -17.70 5.39
CA ALA A 337 7.05 -17.21 6.07
C ALA A 337 8.19 -16.97 5.08
N ARG A 338 8.37 -17.87 4.13
CA ARG A 338 9.44 -17.70 3.14
C ARG A 338 9.20 -16.46 2.27
N GLU A 339 7.97 -16.24 1.83
CA GLU A 339 7.67 -15.05 1.04
C GLU A 339 7.90 -13.77 1.86
N ALA A 340 7.49 -13.80 3.13
CA ALA A 340 7.70 -12.66 4.01
C ALA A 340 9.16 -12.26 4.08
N MET A 341 10.05 -13.25 4.19
CA MET A 341 11.46 -12.93 4.35
C MET A 341 12.11 -12.32 3.11
N GLU A 342 11.44 -12.36 1.96
CA GLU A 342 11.99 -11.74 0.77
C GLU A 342 11.33 -10.42 0.48
N HIS A 343 10.47 -9.97 1.39
CA HIS A 343 9.84 -8.67 1.27
C HIS A 343 10.88 -7.57 1.43
N PRO A 344 10.72 -6.45 0.70
CA PRO A 344 11.66 -5.34 0.85
C PRO A 344 11.71 -4.75 2.25
N TYR A 345 10.68 -4.97 3.07
CA TYR A 345 10.75 -4.55 4.47
C TYR A 345 12.07 -5.01 5.10
N PHE A 346 12.61 -6.14 4.63
CA PHE A 346 13.74 -6.82 5.24
C PHE A 346 15.05 -6.68 4.46
N TYR A 347 15.10 -5.86 3.42
CA TYR A 347 16.30 -5.79 2.57
C TYR A 347 17.51 -5.36 3.38
N THR A 348 17.35 -4.38 4.26
CA THR A 348 18.50 -3.92 5.03
C THR A 348 18.96 -4.97 6.03
N VAL A 349 18.02 -5.65 6.71
CA VAL A 349 18.45 -6.64 7.70
C VAL A 349 19.04 -7.86 7.02
N VAL A 350 18.59 -8.16 5.79
CA VAL A 350 19.23 -9.19 4.99
C VAL A 350 20.65 -8.78 4.63
N LYS A 351 20.84 -7.48 4.29
CA LYS A 351 22.16 -6.98 3.93
C LYS A 351 23.11 -6.98 5.14
N ASP A 352 22.67 -6.38 6.25
CA ASP A 352 23.51 -6.30 7.45
C ASP A 352 23.76 -7.66 8.07
N GLN A 353 23.08 -8.71 7.61
CA GLN A 353 23.44 -10.09 7.91
C GLN A 353 24.40 -10.67 6.87
N ALA A 354 25.39 -9.91 6.43
CA ALA A 354 26.39 -10.40 5.49
C ALA A 354 27.70 -9.64 5.72
N GLY B 25 -28.81 22.61 -2.46
CA GLY B 25 -27.90 22.30 -3.56
C GLY B 25 -26.49 21.83 -3.17
N PRO B 26 -25.53 21.90 -4.10
CA PRO B 26 -24.15 21.46 -3.82
C PRO B 26 -23.51 22.16 -2.62
N VAL B 27 -22.37 21.61 -2.20
CA VAL B 27 -21.54 22.19 -1.16
C VAL B 27 -20.37 22.92 -1.82
N PRO B 28 -19.95 24.08 -1.32
CA PRO B 28 -18.80 24.75 -1.92
C PRO B 28 -17.51 24.09 -1.48
N SER B 29 -16.48 24.29 -2.30
CA SER B 29 -15.14 23.82 -1.99
C SER B 29 -14.15 24.93 -2.32
N ARG B 30 -13.07 24.95 -1.57
CA ARG B 30 -11.94 25.82 -1.82
C ARG B 30 -10.69 24.96 -1.92
N ALA B 31 -9.73 25.40 -2.73
CA ALA B 31 -8.43 24.75 -2.77
C ALA B 31 -7.72 24.93 -1.43
N ARG B 32 -6.96 23.93 -1.02
CA ARG B 32 -6.23 24.02 0.25
C ARG B 32 -4.79 24.45 0.07
N VAL B 33 -4.41 24.88 -1.13
CA VAL B 33 -3.13 25.54 -1.35
C VAL B 33 -3.36 26.60 -2.41
N TYR B 34 -2.53 27.63 -2.37
CA TYR B 34 -2.54 28.69 -3.37
C TYR B 34 -3.94 29.21 -3.63
N THR B 35 -4.79 29.22 -2.59
CA THR B 35 -6.20 29.56 -2.77
C THR B 35 -6.38 31.00 -3.25
N ASP B 36 -5.81 31.98 -2.54
CA ASP B 36 -6.10 33.36 -2.90
C ASP B 36 -4.99 34.02 -3.71
N VAL B 37 -4.14 33.24 -4.37
CA VAL B 37 -2.99 33.80 -5.09
C VAL B 37 -3.44 34.85 -6.09
N ASN B 38 -4.52 34.55 -6.84
CA ASN B 38 -5.01 35.46 -7.86
C ASN B 38 -5.73 36.68 -7.28
N THR B 39 -6.36 36.55 -6.10
CA THR B 39 -6.98 37.71 -5.47
C THR B 39 -5.95 38.83 -5.30
N HIS B 40 -4.77 38.49 -4.76
CA HIS B 40 -3.70 39.39 -4.33
C HIS B 40 -2.87 39.95 -5.45
N ARG B 41 -3.23 39.69 -6.69
CA ARG B 41 -2.48 40.17 -7.83
C ARG B 41 -3.20 41.32 -8.51
N PRO B 42 -2.49 42.11 -9.33
CA PRO B 42 -3.19 43.14 -10.11
C PRO B 42 -4.23 42.49 -11.01
N ARG B 43 -5.31 43.23 -11.29
CA ARG B 43 -6.35 42.72 -12.17
C ARG B 43 -5.77 42.24 -13.50
N GLU B 44 -4.80 42.97 -14.06
CA GLU B 44 -4.26 42.61 -15.37
C GLU B 44 -3.75 41.17 -15.41
N TYR B 45 -3.28 40.64 -14.28
CA TYR B 45 -2.67 39.30 -14.26
C TYR B 45 -3.65 38.24 -14.75
N TRP B 46 -4.87 38.22 -14.22
CA TRP B 46 -5.83 37.14 -14.46
C TRP B 46 -7.04 37.55 -15.29
N ASP B 47 -7.27 38.85 -15.47
CA ASP B 47 -8.38 39.37 -16.25
C ASP B 47 -8.04 39.30 -17.74
N TYR B 48 -7.91 38.07 -18.22
CA TYR B 48 -7.37 37.81 -19.55
C TYR B 48 -8.29 38.28 -20.66
N GLU B 49 -9.60 38.44 -20.40
CA GLU B 49 -10.50 38.81 -21.48
C GLU B 49 -10.19 40.20 -22.01
N SER B 50 -9.60 41.07 -21.18
CA SER B 50 -9.28 42.44 -21.59
C SER B 50 -7.79 42.61 -21.93
N HIS B 51 -7.04 41.53 -22.04
CA HIS B 51 -5.67 41.59 -22.53
C HIS B 51 -5.64 42.03 -23.99
N VAL B 52 -4.98 43.14 -24.27
CA VAL B 52 -4.68 43.54 -25.66
C VAL B 52 -3.55 42.64 -26.18
N VAL B 53 -3.66 42.19 -27.43
CA VAL B 53 -2.67 41.28 -28.02
C VAL B 53 -2.01 41.97 -29.20
N GLU B 54 -0.71 41.88 -29.27
CA GLU B 54 0.06 42.46 -30.37
C GLU B 54 0.48 41.34 -31.33
N TRP B 55 -0.18 41.27 -32.48
CA TRP B 55 0.07 40.23 -33.45
C TRP B 55 1.25 40.60 -34.35
N GLY B 56 2.27 39.75 -34.37
CA GLY B 56 3.34 39.87 -35.32
C GLY B 56 3.01 39.28 -36.69
N ASN B 57 4.01 39.31 -37.55
CA ASN B 57 3.85 38.99 -38.96
C ASN B 57 4.19 37.52 -39.21
N GLN B 58 3.17 36.69 -39.45
CA GLN B 58 3.38 35.26 -39.72
C GLN B 58 4.38 35.04 -40.84
N ASP B 59 4.53 36.01 -41.75
CA ASP B 59 5.52 35.88 -42.80
C ASP B 59 6.94 35.81 -42.27
N ASP B 60 7.19 36.31 -41.05
CA ASP B 60 8.50 36.10 -40.43
C ASP B 60 8.88 34.63 -40.33
N TYR B 61 7.91 33.70 -40.41
CA TYR B 61 8.14 32.27 -40.23
C TYR B 61 7.66 31.51 -41.44
N GLN B 62 8.51 30.62 -41.96
CA GLN B 62 8.19 29.70 -43.05
C GLN B 62 7.99 28.32 -42.47
N LEU B 63 6.87 27.68 -42.80
CA LEU B 63 6.60 26.34 -42.27
C LEU B 63 7.38 25.28 -43.04
N VAL B 64 8.02 24.36 -42.31
CA VAL B 64 8.82 23.28 -42.89
C VAL B 64 7.98 22.00 -43.06
N ARG B 65 7.58 21.37 -41.95
CA ARG B 65 6.75 20.17 -42.04
C ARG B 65 5.71 20.12 -40.91
N LYS B 66 4.58 19.46 -41.18
CA LYS B 66 3.55 19.23 -40.17
C LYS B 66 4.01 18.27 -39.08
N LEU B 67 3.93 18.68 -37.82
CA LEU B 67 4.38 17.86 -36.69
C LEU B 67 3.25 17.17 -35.92
N GLY B 68 1.99 17.52 -36.20
CA GLY B 68 0.87 16.95 -35.49
C GLY B 68 -0.38 17.80 -35.62
N ARG B 69 -1.56 17.18 -35.58
CA ARG B 69 -2.82 17.91 -35.65
C ARG B 69 -3.67 17.49 -34.47
N GLY B 70 -4.61 18.36 -34.11
CA GLY B 70 -5.44 18.08 -32.96
C GLY B 70 -6.83 18.65 -33.10
N LYS B 71 -7.50 18.80 -31.96
CA LYS B 71 -8.88 19.26 -31.93
C LYS B 71 -8.97 20.78 -32.07
N TYR B 72 -7.98 21.51 -31.56
CA TYR B 72 -7.99 22.96 -31.59
C TYR B 72 -6.83 23.58 -32.35
N SER B 73 -5.92 22.78 -32.90
CA SER B 73 -4.67 23.32 -33.43
C SER B 73 -3.98 22.30 -34.31
N GLU B 74 -3.27 22.80 -35.32
CA GLU B 74 -2.28 22.05 -36.06
C GLU B 74 -0.92 22.67 -35.75
N VAL B 75 0.10 21.84 -35.64
CA VAL B 75 1.42 22.25 -35.15
C VAL B 75 2.45 21.98 -36.25
N PHE B 76 3.26 22.99 -36.57
CA PHE B 76 4.28 22.90 -37.61
C PHE B 76 5.66 23.16 -37.06
N GLU B 77 6.67 22.57 -37.68
CA GLU B 77 8.03 23.00 -37.49
C GLU B 77 8.30 24.10 -38.50
N ALA B 78 8.91 25.21 -38.05
CA ALA B 78 9.14 26.37 -38.91
C ALA B 78 10.53 26.90 -38.66
N ILE B 79 10.93 27.86 -39.49
CA ILE B 79 12.17 28.59 -39.28
C ILE B 79 11.83 30.08 -39.19
N ASN B 80 12.50 30.75 -38.26
CA ASN B 80 12.47 32.20 -38.14
C ASN B 80 13.48 32.76 -39.14
N ILE B 81 12.99 33.36 -40.24
CA ILE B 81 13.87 33.68 -41.36
C ILE B 81 14.84 34.81 -41.05
N THR B 82 14.69 35.47 -39.91
CA THR B 82 15.58 36.57 -39.54
C THR B 82 16.83 36.10 -38.80
N ASN B 83 16.77 34.94 -38.14
CA ASN B 83 17.89 34.46 -37.35
C ASN B 83 18.13 32.96 -37.48
N ASN B 84 17.47 32.28 -38.42
CA ASN B 84 17.71 30.87 -38.75
C ASN B 84 17.40 29.89 -37.62
N GLU B 85 16.66 30.31 -36.58
CA GLU B 85 16.40 29.42 -35.45
C GLU B 85 15.20 28.52 -35.74
N LYS B 86 15.34 27.24 -35.35
CA LYS B 86 14.25 26.26 -35.44
C LYS B 86 13.16 26.60 -34.42
N VAL B 87 11.91 26.50 -34.83
CA VAL B 87 10.78 27.00 -34.05
C VAL B 87 9.54 26.16 -34.39
N VAL B 88 8.48 26.30 -33.61
CA VAL B 88 7.25 25.56 -33.84
C VAL B 88 6.09 26.55 -33.91
N VAL B 89 5.34 26.54 -35.02
CA VAL B 89 4.18 27.41 -35.18
C VAL B 89 2.92 26.60 -34.94
N LYS B 90 2.04 27.08 -34.08
CA LYS B 90 0.80 26.41 -33.76
C LYS B 90 -0.35 27.26 -34.27
N ILE B 91 -1.01 26.79 -35.31
CA ILE B 91 -2.12 27.51 -35.92
C ILE B 91 -3.39 27.09 -35.22
N LEU B 92 -4.24 28.06 -34.90
CA LEU B 92 -5.40 27.80 -34.07
C LEU B 92 -6.64 27.62 -34.93
N LYS B 93 -7.31 26.49 -34.73
CA LYS B 93 -8.65 26.31 -35.26
C LYS B 93 -9.57 27.33 -34.61
N PRO B 94 -10.66 27.69 -35.27
CA PRO B 94 -11.59 28.61 -34.65
C PRO B 94 -12.03 28.13 -33.26
N VAL B 95 -11.52 28.83 -32.25
CA VAL B 95 -12.05 28.80 -30.89
C VAL B 95 -12.41 30.23 -30.53
N LYS B 96 -13.25 30.39 -29.51
CA LYS B 96 -13.72 31.72 -29.13
C LYS B 96 -12.53 32.62 -28.81
N LYS B 97 -12.73 33.94 -28.98
CA LYS B 97 -11.66 34.92 -28.79
C LYS B 97 -11.16 34.96 -27.35
N LYS B 98 -12.05 34.67 -26.39
CA LYS B 98 -11.66 34.61 -24.99
C LYS B 98 -10.55 33.58 -24.77
N LYS B 99 -10.56 32.48 -25.53
CA LYS B 99 -9.64 31.37 -25.30
C LYS B 99 -8.25 31.65 -25.86
N ILE B 100 -8.17 32.28 -27.04
CA ILE B 100 -6.88 32.73 -27.54
C ILE B 100 -6.24 33.72 -26.57
N LYS B 101 -7.00 34.71 -26.08
CA LYS B 101 -6.47 35.61 -25.05
C LYS B 101 -6.13 34.84 -23.77
N ARG B 102 -6.94 33.85 -23.41
CA ARG B 102 -6.64 33.08 -22.19
C ARG B 102 -5.34 32.28 -22.33
N GLU B 103 -5.19 31.50 -23.41
CA GLU B 103 -3.95 30.75 -23.59
C GLU B 103 -2.73 31.67 -23.59
N ILE B 104 -2.82 32.82 -24.26
CA ILE B 104 -1.67 33.71 -24.36
C ILE B 104 -1.32 34.29 -23.00
N LYS B 105 -2.32 34.81 -22.27
CA LYS B 105 -2.00 35.39 -20.97
C LYS B 105 -1.42 34.33 -20.04
N ILE B 106 -1.84 33.08 -20.16
CA ILE B 106 -1.32 32.05 -19.25
C ILE B 106 0.13 31.72 -19.57
N LEU B 107 0.43 31.52 -20.86
CA LEU B 107 1.80 31.28 -21.29
C LEU B 107 2.71 32.43 -20.94
N GLU B 108 2.22 33.68 -20.98
CA GLU B 108 3.09 34.80 -20.67
C GLU B 108 3.33 34.88 -19.17
N ASN B 109 2.29 34.71 -18.36
CA ASN B 109 2.50 34.68 -16.91
C ASN B 109 3.46 33.58 -16.52
N LEU B 110 3.34 32.39 -17.17
CA LEU B 110 4.13 31.23 -16.78
C LEU B 110 5.47 31.12 -17.50
N ARG B 111 5.78 32.04 -18.42
CA ARG B 111 7.03 31.95 -19.17
C ARG B 111 8.22 31.93 -18.23
N GLY B 112 9.25 31.16 -18.57
CA GLY B 112 10.47 31.10 -17.80
C GLY B 112 10.46 30.16 -16.62
N GLY B 113 9.30 29.76 -16.11
CA GLY B 113 9.25 28.87 -14.98
C GLY B 113 9.66 27.47 -15.32
N PRO B 114 9.86 26.64 -14.31
CA PRO B 114 10.47 25.31 -14.49
C PRO B 114 9.65 24.35 -15.36
N ASN B 115 10.24 23.95 -16.49
CA ASN B 115 9.69 22.92 -17.36
C ASN B 115 8.37 23.34 -18.00
N ILE B 116 8.19 24.64 -18.24
CA ILE B 116 7.03 25.18 -18.94
C ILE B 116 7.48 25.52 -20.35
N ILE B 117 6.66 25.14 -21.35
CA ILE B 117 6.98 25.50 -22.73
C ILE B 117 7.05 27.02 -22.86
N THR B 118 7.92 27.49 -23.76
CA THR B 118 8.20 28.92 -23.90
C THR B 118 7.51 29.46 -25.13
N LEU B 119 6.62 30.43 -24.93
CA LEU B 119 5.97 31.08 -26.06
C LEU B 119 6.92 32.12 -26.60
N ALA B 120 7.19 32.07 -27.90
CA ALA B 120 8.23 32.92 -28.47
C ALA B 120 7.69 34.05 -29.32
N ASP B 121 6.42 34.02 -29.68
CA ASP B 121 5.85 35.06 -30.54
C ASP B 121 4.37 34.74 -30.72
N ILE B 122 3.64 35.74 -31.16
CA ILE B 122 2.21 35.62 -31.44
C ILE B 122 2.00 36.30 -32.78
N VAL B 123 1.51 35.53 -33.76
CA VAL B 123 1.42 36.06 -35.12
C VAL B 123 0.05 35.76 -35.70
N LYS B 124 -0.30 36.54 -36.70
CA LYS B 124 -1.56 36.39 -37.40
C LYS B 124 -1.18 36.39 -38.86
N ASP B 125 -1.78 35.51 -39.63
CA ASP B 125 -1.44 35.43 -41.05
C ASP B 125 -2.01 36.63 -41.79
N PRO B 126 -1.22 37.28 -42.66
CA PRO B 126 -1.70 38.52 -43.28
C PRO B 126 -2.97 38.39 -44.11
N VAL B 127 -3.17 37.28 -44.82
CA VAL B 127 -4.29 37.12 -45.74
C VAL B 127 -5.44 36.32 -45.12
N SER B 128 -5.14 35.26 -44.37
CA SER B 128 -6.17 34.43 -43.75
C SER B 128 -6.65 34.98 -42.40
N ARG B 129 -5.82 35.77 -41.73
CA ARG B 129 -6.14 36.39 -40.45
C ARG B 129 -6.36 35.37 -39.32
N THR B 130 -5.78 34.12 -39.45
CA THR B 130 -5.91 33.08 -38.42
C THR B 130 -4.75 33.15 -37.42
N PRO B 131 -5.03 33.15 -36.13
CA PRO B 131 -3.97 33.28 -35.12
C PRO B 131 -3.01 32.10 -35.12
N ALA B 132 -1.78 32.36 -34.69
CA ALA B 132 -0.81 31.29 -34.49
C ALA B 132 0.12 31.65 -33.35
N LEU B 133 0.24 30.78 -32.36
CA LEU B 133 1.29 30.89 -31.37
C LEU B 133 2.59 30.29 -31.90
N VAL B 134 3.72 30.85 -31.46
CA VAL B 134 5.03 30.38 -31.90
C VAL B 134 5.83 30.00 -30.66
N PHE B 135 6.25 28.73 -30.57
CA PHE B 135 6.96 28.24 -29.38
C PHE B 135 8.40 27.88 -29.69
N GLU B 136 9.26 27.95 -28.66
CA GLU B 136 10.59 27.35 -28.71
C GLU B 136 10.53 25.89 -29.14
N HIS B 137 11.53 25.45 -29.91
CA HIS B 137 11.58 24.05 -30.33
C HIS B 137 12.13 23.18 -29.21
N VAL B 138 11.46 22.08 -28.96
CA VAL B 138 11.93 21.04 -28.04
C VAL B 138 12.18 19.79 -28.86
N ASN B 139 13.33 19.17 -28.67
CA ASN B 139 13.58 17.94 -29.41
C ASN B 139 12.69 16.85 -28.81
N ASN B 140 11.41 16.90 -29.19
CA ASN B 140 10.45 15.85 -28.84
C ASN B 140 11.00 14.47 -29.22
N THR B 141 10.90 13.54 -28.28
CA THR B 141 11.12 12.13 -28.57
C THR B 141 9.92 11.30 -28.10
N ASP B 142 8.73 11.93 -28.10
CA ASP B 142 7.44 11.28 -27.88
C ASP B 142 7.30 10.68 -26.50
N PHE B 143 6.44 11.28 -25.66
CA PHE B 143 6.21 10.73 -24.32
C PHE B 143 5.41 9.42 -24.33
N LYS B 144 4.59 9.17 -25.37
CA LYS B 144 3.74 7.99 -25.33
C LYS B 144 4.41 6.74 -25.90
N GLN B 145 5.33 6.86 -26.87
CA GLN B 145 6.05 5.69 -27.38
C GLN B 145 7.35 5.40 -26.63
N LEU B 146 7.68 6.24 -25.63
CA LEU B 146 8.84 6.10 -24.76
C LEU B 146 8.51 5.33 -23.47
N TYR B 147 7.36 4.64 -23.44
CA TYR B 147 6.92 3.95 -22.23
C TYR B 147 7.66 2.65 -21.98
N GLN B 148 8.03 1.91 -23.03
CA GLN B 148 8.84 0.73 -22.80
C GLN B 148 10.21 1.14 -22.24
N THR B 149 10.99 1.88 -23.02
CA THR B 149 12.39 2.12 -22.66
C THR B 149 12.55 3.15 -21.53
N LEU B 150 11.88 2.93 -20.39
CA LEU B 150 12.04 3.78 -19.21
C LEU B 150 12.25 2.88 -18.00
N THR B 151 13.37 3.06 -17.30
CA THR B 151 13.66 2.29 -16.11
C THR B 151 12.98 2.95 -14.89
N ASP B 152 12.94 2.21 -13.78
CA ASP B 152 12.19 2.68 -12.62
C ASP B 152 12.68 4.03 -12.12
N TYR B 153 14.00 4.25 -12.12
CA TYR B 153 14.54 5.57 -11.79
C TYR B 153 14.01 6.62 -12.77
N ASP B 154 13.98 6.29 -14.06
CA ASP B 154 13.56 7.26 -15.05
C ASP B 154 12.11 7.69 -14.87
N ILE B 155 11.24 6.81 -14.38
CA ILE B 155 9.86 7.23 -14.13
C ILE B 155 9.81 8.18 -12.93
N ARG B 156 10.45 7.80 -11.83
CA ARG B 156 10.61 8.71 -10.70
C ARG B 156 11.15 10.07 -11.17
N PHE B 157 12.25 10.04 -11.94
CA PHE B 157 12.92 11.27 -12.36
C PHE B 157 11.97 12.17 -13.15
N TYR B 158 11.43 11.67 -14.26
CA TYR B 158 10.54 12.48 -15.08
C TYR B 158 9.24 12.78 -14.35
N MET B 159 8.83 11.91 -13.43
CA MET B 159 7.69 12.25 -12.59
C MET B 159 7.99 13.47 -11.73
N TYR B 160 9.19 13.53 -11.13
CA TYR B 160 9.56 14.70 -10.34
C TYR B 160 9.57 15.97 -11.18
N GLU B 161 9.96 15.88 -12.45
CA GLU B 161 10.00 17.06 -13.29
C GLU B 161 8.58 17.51 -13.64
N ILE B 162 7.63 16.58 -13.78
CA ILE B 162 6.27 17.02 -14.10
C ILE B 162 5.66 17.75 -12.93
N LEU B 163 6.01 17.34 -11.70
CA LEU B 163 5.51 18.04 -10.53
C LEU B 163 6.16 19.43 -10.38
N LYS B 164 7.46 19.56 -10.70
CA LYS B 164 8.08 20.89 -10.73
C LYS B 164 7.25 21.87 -11.54
N ALA B 165 6.57 21.39 -12.58
CA ALA B 165 5.76 22.26 -13.42
C ALA B 165 4.35 22.40 -12.89
N LEU B 166 3.80 21.34 -12.29
CA LEU B 166 2.50 21.49 -11.67
C LEU B 166 2.57 22.37 -10.43
N ASP B 167 3.60 22.21 -9.59
CA ASP B 167 3.69 23.10 -8.44
C ASP B 167 3.89 24.55 -8.89
N TYR B 168 4.71 24.79 -9.91
CA TYR B 168 4.90 26.16 -10.37
C TYR B 168 3.57 26.78 -10.77
N CYS B 169 2.88 26.13 -11.72
CA CYS B 169 1.73 26.78 -12.30
C CYS B 169 0.58 26.84 -11.30
N HIS B 170 0.50 25.89 -10.37
CA HIS B 170 -0.45 26.05 -9.27
C HIS B 170 -0.05 27.21 -8.35
N SER B 171 1.24 27.35 -8.04
CA SER B 171 1.66 28.49 -7.25
C SER B 171 1.38 29.79 -7.98
N MET B 172 1.36 29.78 -9.30
CA MET B 172 0.99 30.98 -10.04
C MET B 172 -0.50 31.10 -10.30
N GLY B 173 -1.32 30.27 -9.66
CA GLY B 173 -2.76 30.42 -9.77
C GLY B 173 -3.39 29.83 -11.02
N ILE B 174 -2.83 28.77 -11.57
CA ILE B 174 -3.28 28.28 -12.85
C ILE B 174 -3.39 26.77 -12.79
N MET B 175 -4.51 26.24 -13.25
CA MET B 175 -4.68 24.80 -13.40
C MET B 175 -4.58 24.46 -14.87
N HIS B 176 -3.87 23.36 -15.16
CA HIS B 176 -3.63 22.96 -16.54
C HIS B 176 -4.88 22.35 -17.18
N ARG B 177 -5.55 21.45 -16.45
CA ARG B 177 -6.78 20.77 -16.87
C ARG B 177 -6.57 19.79 -18.04
N ASP B 178 -5.35 19.46 -18.41
CA ASP B 178 -5.12 18.64 -19.59
C ASP B 178 -3.80 17.90 -19.44
N VAL B 179 -3.49 17.45 -18.22
CA VAL B 179 -2.33 16.60 -18.00
C VAL B 179 -2.60 15.23 -18.61
N LYS B 180 -1.67 14.77 -19.44
CA LYS B 180 -1.76 13.53 -20.19
C LYS B 180 -0.45 13.33 -20.94
N PRO B 181 -0.13 12.10 -21.32
CA PRO B 181 1.17 11.84 -21.98
C PRO B 181 1.47 12.71 -23.19
N HIS B 182 0.50 12.93 -24.06
CA HIS B 182 0.78 13.74 -25.25
C HIS B 182 1.18 15.17 -24.91
N ASN B 183 0.82 15.67 -23.72
CA ASN B 183 1.14 17.05 -23.38
C ASN B 183 2.43 17.20 -22.58
N VAL B 184 3.16 16.12 -22.37
CA VAL B 184 4.52 16.18 -21.84
C VAL B 184 5.48 15.91 -23.01
N MET B 185 6.36 16.86 -23.27
CA MET B 185 7.35 16.80 -24.34
C MET B 185 8.68 16.44 -23.71
N ILE B 186 9.22 15.25 -24.03
CA ILE B 186 10.48 14.82 -23.44
C ILE B 186 11.60 14.94 -24.47
N ASP B 187 12.76 15.36 -23.99
CA ASP B 187 14.05 15.26 -24.66
C ASP B 187 14.88 14.27 -23.84
N HIS B 188 14.81 12.99 -24.21
CA HIS B 188 15.33 11.93 -23.35
C HIS B 188 16.85 11.82 -23.33
N GLU B 189 17.58 12.46 -24.24
CA GLU B 189 19.02 12.35 -24.10
C GLU B 189 19.66 13.60 -23.50
N HIS B 190 18.92 14.68 -23.29
CA HIS B 190 19.37 15.69 -22.33
C HIS B 190 18.61 15.64 -21.01
N ARG B 191 17.71 14.67 -20.86
CA ARG B 191 16.97 14.47 -19.61
C ARG B 191 16.17 15.70 -19.18
N LYS B 192 15.71 16.49 -20.15
CA LYS B 192 14.89 17.68 -19.93
C LYS B 192 13.47 17.38 -20.39
N LEU B 193 12.55 18.27 -20.03
CA LEU B 193 11.14 18.01 -20.24
C LEU B 193 10.40 19.35 -20.18
N ARG B 194 9.19 19.37 -20.75
CA ARG B 194 8.45 20.61 -20.96
C ARG B 194 6.97 20.29 -21.04
N LEU B 195 6.19 20.96 -20.19
CA LEU B 195 4.74 20.82 -20.16
C LEU B 195 4.10 21.75 -21.19
N ILE B 196 3.27 21.21 -22.07
CA ILE B 196 2.78 21.96 -23.22
C ILE B 196 1.27 21.98 -23.31
N ASP B 197 0.75 22.53 -24.41
CA ASP B 197 -0.66 22.82 -24.62
C ASP B 197 -1.38 23.39 -23.41
N TRP B 198 -1.35 24.72 -23.26
CA TRP B 198 -2.01 25.44 -22.19
C TRP B 198 -3.33 26.04 -22.64
N GLY B 199 -3.85 25.59 -23.77
CA GLY B 199 -5.10 26.07 -24.31
C GLY B 199 -6.34 25.69 -23.53
N LEU B 200 -6.19 24.86 -22.51
CA LEU B 200 -7.32 24.51 -21.69
C LEU B 200 -7.16 24.99 -20.26
N ALA B 201 -6.04 25.60 -19.90
CA ALA B 201 -5.82 26.03 -18.51
C ALA B 201 -6.69 27.23 -18.16
N GLU B 202 -7.20 27.25 -16.94
CA GLU B 202 -7.89 28.41 -16.38
C GLU B 202 -7.09 28.98 -15.21
N PHE B 203 -7.51 30.16 -14.76
CA PHE B 203 -7.05 30.73 -13.49
C PHE B 203 -7.92 30.19 -12.36
N TYR B 204 -7.31 29.85 -11.22
CA TYR B 204 -8.13 29.50 -10.07
C TYR B 204 -8.61 30.78 -9.38
N HIS B 205 -9.92 30.86 -9.11
CA HIS B 205 -10.51 31.89 -8.25
C HIS B 205 -11.46 31.22 -7.26
N PRO B 206 -11.26 31.41 -5.98
CA PRO B 206 -12.13 30.77 -4.98
C PRO B 206 -13.61 31.04 -5.21
N GLY B 207 -14.34 29.96 -5.48
CA GLY B 207 -15.78 30.02 -5.66
C GLY B 207 -16.23 30.01 -7.10
N GLN B 208 -15.31 30.08 -8.05
CA GLN B 208 -15.69 29.98 -9.45
C GLN B 208 -16.15 28.55 -9.78
N GLU B 209 -17.20 28.46 -10.59
CA GLU B 209 -17.63 27.19 -11.15
C GLU B 209 -17.12 27.10 -12.57
N TYR B 210 -16.42 26.01 -12.87
CA TYR B 210 -15.74 25.80 -14.15
C TYR B 210 -16.52 24.83 -15.01
N ASN B 211 -16.12 24.78 -16.29
CA ASN B 211 -16.66 23.81 -17.23
C ASN B 211 -16.12 22.42 -16.89
N VAL B 212 -17.03 21.44 -16.72
CA VAL B 212 -16.61 20.07 -16.44
C VAL B 212 -16.29 19.28 -17.70
N ARG B 213 -16.46 19.87 -18.88
CA ARG B 213 -16.15 19.16 -20.10
C ARG B 213 -14.80 19.64 -20.62
N VAL B 214 -13.78 19.32 -19.84
CA VAL B 214 -12.39 19.56 -20.16
C VAL B 214 -11.61 18.26 -19.94
N ALA B 215 -10.30 18.31 -20.23
CA ALA B 215 -9.41 17.15 -20.14
C ALA B 215 -9.80 16.06 -21.15
N SER B 216 -9.01 15.01 -21.20
CA SER B 216 -9.28 13.91 -22.12
C SER B 216 -9.94 12.76 -21.36
N ARG B 217 -10.70 11.94 -22.09
CA ARG B 217 -11.64 11.01 -21.45
C ARG B 217 -11.01 10.15 -20.37
N TYR B 218 -9.73 9.85 -20.51
CA TYR B 218 -9.10 8.90 -19.59
C TYR B 218 -8.52 9.58 -18.36
N PHE B 219 -8.21 10.86 -18.47
CA PHE B 219 -7.64 11.60 -17.35
C PHE B 219 -8.66 12.51 -16.66
N LYS B 220 -9.92 12.49 -17.12
CA LYS B 220 -11.01 13.16 -16.43
C LYS B 220 -11.12 12.65 -15.01
N GLY B 221 -11.01 13.57 -14.04
CA GLY B 221 -11.18 13.25 -12.63
C GLY B 221 -12.63 13.09 -12.24
N PRO B 222 -12.87 12.37 -11.14
CA PRO B 222 -14.25 12.10 -10.74
C PRO B 222 -15.10 13.36 -10.64
N GLU B 223 -14.51 14.46 -10.15
CA GLU B 223 -15.24 15.72 -10.05
C GLU B 223 -15.76 16.19 -11.42
N LEU B 224 -15.13 15.76 -12.51
CA LEU B 224 -15.69 16.03 -13.82
C LEU B 224 -16.79 15.04 -14.19
N LEU B 225 -16.64 13.78 -13.78
CA LEU B 225 -17.57 12.76 -14.27
C LEU B 225 -18.92 12.82 -13.58
N VAL B 226 -18.91 13.04 -12.25
CA VAL B 226 -20.15 13.31 -11.53
C VAL B 226 -20.58 14.75 -11.65
N ASP B 227 -19.79 15.58 -12.35
CA ASP B 227 -20.21 16.92 -12.73
C ASP B 227 -20.27 17.82 -11.50
N TYR B 228 -19.11 18.16 -10.95
CA TYR B 228 -18.97 19.00 -9.75
C TYR B 228 -18.09 20.18 -10.11
N GLN B 229 -18.68 21.37 -10.18
CA GLN B 229 -18.05 22.45 -10.90
C GLN B 229 -17.01 23.22 -10.09
N MET B 230 -16.93 23.03 -8.79
CA MET B 230 -16.09 23.91 -7.98
C MET B 230 -14.73 23.27 -7.71
N TYR B 231 -14.05 22.81 -8.74
CA TYR B 231 -12.82 22.09 -8.51
C TYR B 231 -11.65 23.05 -8.57
N ASP B 232 -10.43 22.51 -8.47
CA ASP B 232 -9.25 23.33 -8.30
C ASP B 232 -8.03 22.59 -8.81
N TYR B 233 -6.84 23.02 -8.39
CA TYR B 233 -5.62 22.45 -8.92
C TYR B 233 -5.58 20.94 -8.70
N SER B 234 -6.29 20.44 -7.69
CA SER B 234 -6.22 19.01 -7.41
C SER B 234 -6.68 18.16 -8.59
N LEU B 235 -7.41 18.76 -9.55
CA LEU B 235 -7.81 18.02 -10.73
C LEU B 235 -6.60 17.58 -11.53
N ASP B 236 -5.59 18.45 -11.64
CA ASP B 236 -4.35 18.06 -12.29
C ASP B 236 -3.68 16.88 -11.56
N MET B 237 -3.99 16.70 -10.28
CA MET B 237 -3.37 15.61 -9.55
C MET B 237 -4.02 14.26 -9.86
N TRP B 238 -5.32 14.23 -10.12
CA TRP B 238 -5.91 12.97 -10.57
C TRP B 238 -5.35 12.57 -11.93
N SER B 239 -5.15 13.54 -12.82
CA SER B 239 -4.59 13.19 -14.12
C SER B 239 -3.19 12.66 -13.96
N LEU B 240 -2.38 13.33 -13.15
CA LEU B 240 -1.02 12.86 -12.94
C LEU B 240 -1.01 11.47 -12.35
N GLY B 241 -1.99 11.13 -11.51
CA GLY B 241 -2.14 9.75 -11.07
C GLY B 241 -2.41 8.78 -12.21
N CYS B 242 -3.26 9.16 -13.17
CA CYS B 242 -3.58 8.26 -14.27
C CYS B 242 -2.38 7.98 -15.15
N MET B 243 -1.57 9.01 -15.42
CA MET B 243 -0.29 8.79 -16.09
C MET B 243 0.58 7.82 -15.29
N LEU B 244 0.82 8.14 -14.01
CA LEU B 244 1.67 7.30 -13.19
C LEU B 244 1.28 5.83 -13.28
N ALA B 245 -0.01 5.54 -13.08
CA ALA B 245 -0.45 4.16 -13.07
C ALA B 245 -0.28 3.50 -14.43
N SER B 246 -0.49 4.25 -15.52
CA SER B 246 -0.28 3.63 -16.83
C SER B 246 1.18 3.28 -17.07
N MET B 247 2.09 3.89 -16.31
CA MET B 247 3.53 3.71 -16.50
C MET B 247 4.07 2.55 -15.68
N ILE B 248 3.78 2.51 -14.38
CA ILE B 248 4.32 1.44 -13.57
C ILE B 248 3.63 0.12 -13.92
N PHE B 249 2.37 0.17 -14.36
CA PHE B 249 1.63 -1.04 -14.64
C PHE B 249 1.70 -1.48 -16.11
N ARG B 250 2.32 -0.66 -16.98
CA ARG B 250 2.22 -0.77 -18.43
C ARG B 250 0.80 -1.09 -18.85
N LYS B 251 -0.09 -0.10 -18.74
CA LYS B 251 -1.49 -0.26 -19.11
C LYS B 251 -1.95 1.08 -19.66
N GLU B 252 -1.98 1.20 -21.00
CA GLU B 252 -2.35 2.46 -21.64
C GLU B 252 -3.73 2.32 -22.25
N PRO B 253 -4.76 3.01 -21.72
CA PRO B 253 -4.69 3.83 -20.52
C PRO B 253 -5.06 3.04 -19.28
N PHE B 254 -4.89 3.58 -18.08
CA PHE B 254 -5.19 2.75 -16.93
C PHE B 254 -6.69 2.56 -16.71
N PHE B 255 -7.49 3.63 -16.78
CA PHE B 255 -8.95 3.54 -16.72
C PHE B 255 -9.48 3.71 -18.13
N HIS B 256 -10.02 2.63 -18.70
CA HIS B 256 -10.23 2.51 -20.14
C HIS B 256 -11.73 2.56 -20.43
N GLY B 257 -12.34 3.72 -20.18
CA GLY B 257 -13.76 3.88 -20.41
C GLY B 257 -14.13 4.10 -21.86
N HIS B 258 -15.39 3.79 -22.18
CA HIS B 258 -15.90 3.90 -23.54
C HIS B 258 -16.65 5.20 -23.80
N ASP B 259 -16.86 6.01 -22.78
CA ASP B 259 -17.56 7.28 -22.84
C ASP B 259 -17.51 7.84 -21.43
N ASN B 260 -17.98 9.08 -21.27
CA ASN B 260 -17.78 9.75 -19.99
C ASN B 260 -18.48 9.00 -18.87
N TYR B 261 -19.65 8.42 -19.14
CA TYR B 261 -20.41 7.73 -18.10
C TYR B 261 -19.70 6.45 -17.67
N ASP B 262 -19.23 5.67 -18.63
CA ASP B 262 -18.56 4.43 -18.29
C ASP B 262 -17.16 4.66 -17.72
N GLN B 263 -16.57 5.82 -17.98
CA GLN B 263 -15.29 6.14 -17.39
C GLN B 263 -15.38 6.17 -15.86
N LEU B 264 -16.52 6.64 -15.32
CA LEU B 264 -16.66 6.63 -13.87
C LEU B 264 -16.82 5.20 -13.35
N VAL B 265 -17.49 4.34 -14.13
CA VAL B 265 -17.63 2.94 -13.75
C VAL B 265 -16.24 2.28 -13.72
N ARG B 266 -15.41 2.52 -14.73
CA ARG B 266 -14.06 1.94 -14.74
C ARG B 266 -13.25 2.39 -13.52
N ILE B 267 -13.42 3.63 -13.07
CA ILE B 267 -12.81 4.08 -11.83
C ILE B 267 -13.43 3.36 -10.64
N ALA B 268 -14.76 3.30 -10.61
CA ALA B 268 -15.44 2.73 -9.45
C ALA B 268 -15.10 1.27 -9.27
N LYS B 269 -14.79 0.57 -10.36
CA LYS B 269 -14.42 -0.83 -10.27
C LYS B 269 -13.07 -1.03 -9.61
N VAL B 270 -12.23 0.01 -9.56
CA VAL B 270 -10.92 -0.09 -8.93
C VAL B 270 -10.87 0.59 -7.57
N LEU B 271 -11.52 1.77 -7.41
CA LEU B 271 -11.55 2.43 -6.11
C LEU B 271 -12.72 2.01 -5.22
N GLY B 272 -13.67 1.25 -5.73
CA GLY B 272 -14.81 0.85 -4.91
C GLY B 272 -15.89 1.91 -4.88
N THR B 273 -17.13 1.46 -4.77
CA THR B 273 -18.23 2.41 -4.84
C THR B 273 -18.47 3.11 -3.51
N GLU B 274 -18.20 2.45 -2.39
CA GLU B 274 -18.52 3.02 -1.09
C GLU B 274 -17.90 4.41 -0.93
N ASP B 275 -16.62 4.57 -1.28
CA ASP B 275 -16.00 5.91 -1.26
C ASP B 275 -16.67 6.87 -2.23
N LEU B 276 -17.13 6.37 -3.38
CA LEU B 276 -17.74 7.25 -4.37
C LEU B 276 -18.98 7.90 -3.80
N TYR B 277 -19.88 7.11 -3.23
CA TYR B 277 -21.09 7.69 -2.67
C TYR B 277 -20.81 8.53 -1.44
N ASP B 278 -19.81 8.13 -0.64
CA ASP B 278 -19.32 8.97 0.46
C ASP B 278 -18.87 10.33 -0.05
N TYR B 279 -18.31 10.37 -1.26
CA TYR B 279 -17.93 11.62 -1.91
C TYR B 279 -19.14 12.40 -2.35
N ILE B 280 -20.07 11.74 -3.06
CA ILE B 280 -21.33 12.38 -3.44
C ILE B 280 -22.09 12.87 -2.21
N ASP B 281 -22.10 12.08 -1.15
CA ASP B 281 -22.75 12.51 0.09
C ASP B 281 -22.02 13.70 0.70
N LYS B 282 -20.69 13.68 0.69
CA LYS B 282 -19.95 14.76 1.35
C LYS B 282 -20.28 16.11 0.72
N TYR B 283 -20.37 16.17 -0.60
CA TYR B 283 -20.52 17.44 -1.33
C TYR B 283 -21.95 17.70 -1.83
N ASN B 284 -22.88 16.79 -1.55
CA ASN B 284 -24.28 16.89 -2.00
C ASN B 284 -24.38 17.09 -3.52
N ILE B 285 -23.76 16.18 -4.28
CA ILE B 285 -23.89 16.17 -5.74
C ILE B 285 -25.13 15.40 -6.16
N GLU B 286 -25.88 15.97 -7.10
CA GLU B 286 -26.98 15.25 -7.72
C GLU B 286 -26.38 14.37 -8.80
N LEU B 287 -26.42 13.06 -8.60
CA LEU B 287 -25.81 12.16 -9.57
C LEU B 287 -26.76 11.97 -10.74
N ASP B 288 -26.23 12.12 -11.95
CA ASP B 288 -27.00 11.93 -13.16
C ASP B 288 -27.79 10.63 -13.08
N PRO B 289 -29.09 10.64 -13.43
CA PRO B 289 -29.84 9.37 -13.45
C PRO B 289 -29.27 8.31 -14.39
N ARG B 290 -28.51 8.72 -15.43
CA ARG B 290 -27.82 7.74 -16.27
C ARG B 290 -26.92 6.81 -15.45
N PHE B 291 -26.33 7.32 -14.36
CA PHE B 291 -25.54 6.48 -13.47
C PHE B 291 -26.40 5.53 -12.65
N ASN B 292 -27.67 5.89 -12.41
CA ASN B 292 -28.46 5.21 -11.40
C ASN B 292 -28.82 3.77 -11.79
N ASP B 293 -27.86 3.05 -12.38
CA ASP B 293 -28.08 1.67 -12.79
C ASP B 293 -26.77 0.95 -13.05
N ILE B 294 -25.89 1.56 -13.86
CA ILE B 294 -24.65 0.91 -14.25
C ILE B 294 -23.53 1.06 -13.23
N LEU B 295 -23.71 1.93 -12.24
CA LEU B 295 -22.65 2.15 -11.26
C LEU B 295 -22.46 0.92 -10.38
N GLY B 296 -23.55 0.30 -9.94
CA GLY B 296 -23.45 -0.91 -9.18
C GLY B 296 -22.80 -0.79 -7.81
N ARG B 297 -22.36 -1.95 -7.33
CA ARG B 297 -21.70 -2.18 -6.04
C ARG B 297 -20.38 -2.90 -6.31
N HIS B 298 -19.26 -2.23 -6.07
CA HIS B 298 -17.95 -2.85 -6.18
C HIS B 298 -17.02 -2.39 -5.08
N SER B 299 -16.03 -3.23 -4.79
CA SER B 299 -15.10 -3.04 -3.69
C SER B 299 -13.89 -2.23 -4.15
N ARG B 300 -13.19 -1.64 -3.18
CA ARG B 300 -11.89 -1.04 -3.40
C ARG B 300 -10.85 -2.16 -3.57
N LYS B 301 -10.14 -2.17 -4.70
CA LYS B 301 -9.21 -3.26 -5.04
C LYS B 301 -7.81 -2.99 -4.45
N ARG B 302 -7.13 -4.06 -4.07
CA ARG B 302 -5.71 -3.96 -3.72
C ARG B 302 -4.89 -3.84 -5.00
N TRP B 303 -3.95 -2.90 -5.00
CA TRP B 303 -3.18 -2.64 -6.22
C TRP B 303 -2.43 -3.86 -6.71
N GLU B 304 -2.16 -4.83 -5.82
CA GLU B 304 -1.52 -6.07 -6.24
C GLU B 304 -2.27 -6.76 -7.38
N ARG B 305 -3.57 -6.47 -7.54
CA ARG B 305 -4.35 -7.08 -8.61
C ARG B 305 -3.77 -6.79 -9.99
N PHE B 306 -3.15 -5.62 -10.16
CA PHE B 306 -2.65 -5.16 -11.46
C PHE B 306 -1.19 -5.52 -11.69
N VAL B 307 -0.53 -6.18 -10.75
CA VAL B 307 0.88 -6.48 -10.87
C VAL B 307 1.05 -7.80 -11.58
N HIS B 308 2.09 -7.90 -12.40
CA HIS B 308 2.40 -9.14 -13.11
C HIS B 308 3.84 -9.06 -13.60
N SER B 309 4.42 -10.22 -13.93
CA SER B 309 5.85 -10.30 -14.23
C SER B 309 6.32 -9.30 -15.30
N GLU B 310 5.44 -8.88 -16.21
CA GLU B 310 5.87 -7.95 -17.25
C GLU B 310 6.00 -6.50 -16.77
N ASN B 311 5.55 -6.20 -15.54
CA ASN B 311 5.61 -4.83 -15.03
C ASN B 311 6.09 -4.73 -13.59
N GLN B 312 6.40 -5.84 -12.92
CA GLN B 312 6.74 -5.75 -11.50
C GLN B 312 8.03 -4.96 -11.28
N HIS B 313 8.93 -4.94 -12.26
CA HIS B 313 10.20 -4.24 -12.08
C HIS B 313 10.03 -2.73 -11.87
N LEU B 314 8.83 -2.18 -12.06
CA LEU B 314 8.59 -0.77 -11.87
C LEU B 314 7.65 -0.48 -10.71
N VAL B 315 7.05 -1.52 -10.14
CA VAL B 315 6.17 -1.43 -8.99
C VAL B 315 6.99 -1.63 -7.71
N SER B 316 6.68 -0.85 -6.70
CA SER B 316 7.38 -0.89 -5.43
C SER B 316 6.40 -0.47 -4.36
N PRO B 317 6.62 -0.86 -3.10
CA PRO B 317 5.72 -0.35 -2.06
C PRO B 317 5.69 1.18 -2.02
N GLU B 318 6.83 1.82 -2.29
CA GLU B 318 6.86 3.27 -2.40
C GLU B 318 5.95 3.75 -3.51
N ALA B 319 6.14 3.25 -4.73
CA ALA B 319 5.28 3.63 -5.86
C ALA B 319 3.80 3.42 -5.56
N LEU B 320 3.46 2.32 -4.87
CA LEU B 320 2.04 2.07 -4.67
C LEU B 320 1.48 2.97 -3.58
N ASP B 321 2.28 3.28 -2.57
CA ASP B 321 1.84 4.26 -1.59
C ASP B 321 1.61 5.61 -2.24
N PHE B 322 2.58 6.04 -3.04
CA PHE B 322 2.44 7.31 -3.74
C PHE B 322 1.21 7.32 -4.62
N LEU B 323 1.00 6.25 -5.39
CA LEU B 323 -0.10 6.21 -6.35
C LEU B 323 -1.45 6.32 -5.64
N ASP B 324 -1.62 5.56 -4.55
CA ASP B 324 -2.89 5.52 -3.83
C ASP B 324 -3.27 6.86 -3.25
N LYS B 325 -2.27 7.66 -2.85
CA LYS B 325 -2.48 8.99 -2.28
C LYS B 325 -2.78 10.06 -3.32
N LEU B 326 -2.64 9.75 -4.61
CA LEU B 326 -3.07 10.64 -5.68
C LEU B 326 -4.47 10.32 -6.19
N LEU B 327 -4.82 9.03 -6.29
CA LEU B 327 -6.05 8.60 -6.96
C LEU B 327 -7.17 8.43 -5.93
N ARG B 328 -7.68 9.55 -5.45
CA ARG B 328 -8.78 9.56 -4.48
C ARG B 328 -9.96 10.32 -5.06
N TYR B 329 -11.19 9.86 -4.78
CA TYR B 329 -12.37 10.55 -5.27
C TYR B 329 -12.42 12.01 -4.80
N ASP B 330 -12.28 12.20 -3.49
CA ASP B 330 -12.31 13.50 -2.84
C ASP B 330 -11.11 14.34 -3.25
N HIS B 331 -11.36 15.38 -4.07
CA HIS B 331 -10.26 16.19 -4.59
C HIS B 331 -9.51 16.93 -3.48
N GLN B 332 -10.19 17.27 -2.38
CA GLN B 332 -9.52 17.95 -1.30
C GLN B 332 -8.61 17.05 -0.49
N SER B 333 -8.56 15.74 -0.79
CA SER B 333 -7.69 14.82 -0.06
C SER B 333 -6.56 14.22 -0.93
N ARG B 334 -6.47 14.56 -2.21
CA ARG B 334 -5.30 14.16 -2.98
C ARG B 334 -4.09 14.97 -2.53
N LEU B 335 -2.91 14.43 -2.75
CA LEU B 335 -1.72 15.20 -2.42
C LEU B 335 -1.61 16.43 -3.32
N THR B 336 -0.87 17.41 -2.84
CA THR B 336 -0.55 18.55 -3.68
C THR B 336 0.75 18.26 -4.42
N ALA B 337 1.04 19.09 -5.41
CA ALA B 337 2.33 18.96 -6.07
C ALA B 337 3.46 18.99 -5.06
N ARG B 338 3.48 20.01 -4.18
CA ARG B 338 4.55 20.13 -3.20
C ARG B 338 4.54 18.96 -2.23
N GLU B 339 3.35 18.55 -1.78
CA GLU B 339 3.26 17.35 -0.95
C GLU B 339 3.85 16.17 -1.67
N ALA B 340 3.49 16.00 -2.96
CA ALA B 340 3.99 14.86 -3.72
C ALA B 340 5.52 14.87 -3.84
N MET B 341 6.10 15.99 -4.25
CA MET B 341 7.55 16.05 -4.44
C MET B 341 8.35 15.62 -3.20
N GLU B 342 7.70 15.47 -2.06
CA GLU B 342 8.39 15.11 -0.83
C GLU B 342 8.09 13.69 -0.40
N HIS B 343 7.22 13.00 -1.14
CA HIS B 343 6.91 11.61 -0.87
C HIS B 343 8.17 10.76 -1.04
N PRO B 344 8.28 9.63 -0.31
CA PRO B 344 9.53 8.85 -0.35
C PRO B 344 9.82 8.24 -1.69
N TYR B 345 8.84 8.16 -2.58
CA TYR B 345 9.08 7.67 -3.94
C TYR B 345 10.21 8.42 -4.62
N PHE B 346 10.40 9.69 -4.27
CA PHE B 346 11.36 10.56 -4.92
C PHE B 346 12.65 10.75 -4.13
N TYR B 347 12.79 10.14 -2.94
CA TYR B 347 13.96 10.41 -2.10
C TYR B 347 15.26 10.27 -2.86
N THR B 348 15.32 9.39 -3.87
CA THR B 348 16.59 9.17 -4.58
C THR B 348 16.79 10.13 -5.73
N VAL B 349 15.71 10.65 -6.35
CA VAL B 349 15.95 11.69 -7.34
C VAL B 349 16.14 13.03 -6.66
N VAL B 350 15.55 13.21 -5.47
CA VAL B 350 15.79 14.41 -4.68
C VAL B 350 17.26 14.47 -4.27
N LYS B 351 17.80 13.33 -3.80
CA LYS B 351 19.20 13.26 -3.39
C LYS B 351 20.16 13.43 -4.58
N ASP B 352 19.78 12.95 -5.76
CA ASP B 352 20.67 13.00 -6.91
C ASP B 352 20.69 14.35 -7.59
N GLN B 353 19.75 15.24 -7.23
CA GLN B 353 19.84 16.62 -7.70
C GLN B 353 21.00 17.36 -7.04
N ALA B 354 21.36 16.97 -5.81
CA ALA B 354 22.56 17.48 -5.15
C ALA B 354 23.82 17.11 -5.93
S SO4 C . -6.01 -29.23 20.56
O1 SO4 C . -6.53 -28.01 21.22
O2 SO4 C . -6.05 -29.16 19.07
O3 SO4 C . -4.60 -29.36 21.00
O4 SO4 C . -6.79 -30.43 20.94
C10 A1I93 D . 10.57 -20.25 28.89
C13 A1I93 D . 12.00 -17.35 30.89
C17 A1I93 D . 7.66 -23.01 27.11
C01 A1I93 D . 7.63 -16.71 31.53
C03 A1I93 D . 9.60 -18.14 30.59
C05 A1I93 D . 9.21 -20.08 29.18
C06 A1I93 D . 8.24 -21.00 28.60
C07 A1I93 D . 8.67 -22.04 27.78
C08 A1I93 D . 10.03 -22.17 27.50
C09 A1I93 D . 11.00 -21.32 28.03
C11 A1I93 D . 11.51 -19.29 29.50
C12 A1I93 D . 11.05 -18.26 30.32
C14 A1I93 D . 13.36 -17.55 30.58
C16 A1I93 D . 12.92 -19.40 29.24
N02 A1I93 D . 9.05 -17.10 31.43
N04 A1I93 D . 8.71 -19.03 30.04
N15 A1I93 D . 13.81 -18.55 29.79
O18 A1I93 D . 6.49 -23.15 27.56
O19 A1I93 D . 8.07 -23.58 26.05
S SO4 E . 4.16 -42.51 30.92
O1 SO4 E . 4.19 -41.28 30.10
O2 SO4 E . 4.49 -42.19 32.32
O3 SO4 E . 2.82 -43.12 30.86
O4 SO4 E . 5.15 -43.44 30.39
S SO4 F . -17.44 2.30 9.01
O1 SO4 F . -17.08 3.72 9.12
O2 SO4 F . -16.67 1.56 10.03
O3 SO4 F . -18.88 2.08 9.26
O4 SO4 F . -17.13 1.83 7.65
S SO4 G . -15.79 15.69 -23.41
O1 SO4 G . -16.91 15.80 -22.44
O2 SO4 G . -15.84 16.89 -24.25
O3 SO4 G . -15.90 14.46 -24.21
O4 SO4 G . -14.49 15.72 -22.72
S SO4 H . -13.66 26.42 -21.12
O1 SO4 H . -14.94 25.74 -21.11
O2 SO4 H . -13.17 26.46 -19.74
O3 SO4 H . -12.68 25.78 -22.04
O4 SO4 H . -13.96 27.80 -21.53
C10 A1I93 I . 5.06 21.92 -29.19
C13 A1I93 I . 7.25 19.59 -31.20
C17 A1I93 I . 1.51 23.68 -27.41
C01 A1I93 I . 3.28 17.66 -31.49
C03 A1I93 I . 4.72 19.65 -30.82
C05 A1I93 I . 3.81 21.38 -29.44
C06 A1I93 I . 2.64 21.94 -28.86
C07 A1I93 I . 2.73 23.05 -28.06
C08 A1I93 I . 3.97 23.61 -27.81
C09 A1I93 I . 5.15 23.07 -28.35
C11 A1I93 I . 6.23 21.29 -29.80
C12 A1I93 I . 6.08 20.19 -30.61
C14 A1I93 I . 8.51 20.18 -30.94
C16 A1I93 I . 7.55 21.81 -29.60
N02 A1I93 I . 4.45 18.50 -31.63
N04 A1I93 I . 3.64 20.23 -30.25
N15 A1I93 I . 8.64 21.25 -30.16
O18 A1I93 I . 0.35 23.49 -27.90
O19 A1I93 I . 1.73 24.35 -26.37
S SO4 J . -7.65 40.66 -31.75
O1 SO4 J . -8.93 41.17 -31.21
O2 SO4 J . -7.02 39.89 -30.68
O3 SO4 J . -7.86 39.85 -32.97
O4 SO4 J . -6.77 41.77 -32.13
S SO4 K . -16.48 -6.69 -7.26
O1 SO4 K . -16.72 -5.97 -6.00
O2 SO4 K . -15.14 -7.31 -7.12
O3 SO4 K . -17.51 -7.73 -7.42
O4 SO4 K . -16.53 -5.80 -8.45
S SO4 L . -20.52 35.46 -22.65
O1 SO4 L . -21.96 35.08 -22.61
O2 SO4 L . -20.06 35.85 -21.31
O3 SO4 L . -19.67 34.33 -23.05
O4 SO4 L . -20.34 36.62 -23.53
#